data_6AJ8
#
_entry.id   6AJ8
#
_cell.length_a   58.474
_cell.length_b   112.021
_cell.length_c   132.136
_cell.angle_alpha   90.00
_cell.angle_beta   90.00
_cell.angle_gamma   90.00
#
_symmetry.space_group_name_H-M   'P 21 21 21'
#
loop_
_entity.id
_entity.type
_entity.pdbx_description
1 polymer 'Isocitrate dehydrogenase [NADP]'
2 non-polymer 'NADP NICOTINAMIDE-ADENINE-DINUCLEOTIDE PHOSPHATE'
3 non-polymer 'CALCIUM ION'
4 non-polymer '2-OXOGLUTARIC ACID'
5 water water
#
_entity_poly.entity_id   1
_entity_poly.type   'polypeptide(L)'
_entity_poly.pdbx_seq_one_letter_code
;SNKISATGVLVELDGDEMTRVIWKKIKETLIFPFVNVPIEYYDLSMENRDKTEDRVTVEAAYAIKKHGVGVKCATITPDE
ARVKEFNLKKMWRSPNGTIRTILGGTVFREPIICSNVPRLVTTWKKPVVIGRHAFGDQYSATDAVVKEPGTFEMRFIPAN
GGEPKVYKVFDYKSGGVMMGMYNTDDSIRDFARSCFEFALARKWPLYLSTKNTILKHYDGRFKDIFAEMYKALYETKFKT
CGIFYEHRLIDDMVAHCMRSEGGYVWACKNYDGDVQSDSLAQGFGSLGMMTSILMTPDGKTVEVEAAHGTVTRHYRDYQK
GKETSTNPVASIFAWTRALAHRARVDNNNTLLEFTQRLEDVIIATIEAGAMTEDLAICIKGEKNVVRADYLNTDEFIDAV
SQRLKVAMQKSKV
;
_entity_poly.pdbx_strand_id   A,B
#
loop_
_chem_comp.id
_chem_comp.type
_chem_comp.name
_chem_comp.formula
AKG non-polymer '2-OXOGLUTARIC ACID' 'C5 H6 O5'
CA non-polymer 'CALCIUM ION' 'Ca 2'
NAP non-polymer 'NADP NICOTINAMIDE-ADENINE-DINUCLEOTIDE PHOSPHATE' 'C21 H28 N7 O17 P3'
#
# COMPACT_ATOMS: atom_id res chain seq x y z
N SER A 1 47.60 0.98 11.32
CA SER A 1 47.11 1.51 10.07
C SER A 1 48.02 1.08 8.95
N ASN A 2 47.45 0.31 8.03
CA ASN A 2 48.09 -0.27 6.86
C ASN A 2 46.89 -0.81 6.11
N LYS A 3 47.02 -1.63 5.06
CA LYS A 3 45.81 -2.16 4.43
C LYS A 3 45.12 -2.98 5.56
N ILE A 4 43.79 -2.92 5.65
CA ILE A 4 43.00 -3.51 6.74
C ILE A 4 43.08 -5.01 7.08
N SER A 5 43.10 -5.92 6.12
CA SER A 5 43.26 -7.34 6.47
C SER A 5 42.26 -8.05 7.38
N ALA A 6 41.09 -8.38 6.84
CA ALA A 6 40.08 -9.12 7.56
C ALA A 6 40.51 -10.57 7.70
N THR A 7 40.00 -11.26 8.69
CA THR A 7 40.36 -12.65 8.93
C THR A 7 39.60 -13.56 8.01
N GLY A 8 38.29 -13.40 8.02
CA GLY A 8 37.37 -14.10 7.14
C GLY A 8 37.44 -13.49 5.75
N VAL A 9 36.72 -14.08 4.81
CA VAL A 9 36.76 -13.64 3.41
C VAL A 9 35.37 -13.38 2.83
N LEU A 10 35.36 -12.59 1.77
CA LEU A 10 34.16 -12.15 1.08
C LEU A 10 34.03 -12.95 -0.20
N VAL A 11 32.81 -13.33 -0.55
CA VAL A 11 32.55 -14.01 -1.82
C VAL A 11 32.01 -13.00 -2.83
N GLU A 12 32.68 -12.84 -3.96
CA GLU A 12 32.33 -11.78 -4.93
C GLU A 12 31.77 -12.40 -6.19
N LEU A 13 30.52 -12.07 -6.51
CA LEU A 13 29.87 -12.55 -7.73
C LEU A 13 29.84 -11.40 -8.75
N ASP A 14 30.62 -11.53 -9.82
CA ASP A 14 30.67 -10.52 -10.87
C ASP A 14 29.45 -10.80 -11.75
N GLY A 15 28.95 -9.76 -12.38
CA GLY A 15 27.79 -9.78 -13.22
C GLY A 15 27.97 -9.25 -14.61
N ASP A 16 26.90 -8.80 -15.24
CA ASP A 16 26.97 -8.33 -16.61
C ASP A 16 26.47 -6.96 -16.96
N GLU A 17 26.80 -6.59 -18.17
CA GLU A 17 26.45 -5.32 -18.75
C GLU A 17 26.97 -4.14 -17.96
N MET A 18 26.19 -3.12 -17.77
CA MET A 18 26.62 -1.90 -17.10
C MET A 18 27.10 -2.05 -15.66
N THR A 19 26.48 -2.89 -14.90
CA THR A 19 26.87 -3.10 -13.54
C THR A 19 28.27 -3.71 -13.40
N ARG A 20 28.65 -4.60 -14.32
CA ARG A 20 29.99 -5.17 -14.30
C ARG A 20 30.99 -4.06 -14.53
N VAL A 21 30.67 -3.16 -15.42
CA VAL A 21 31.58 -2.07 -15.77
C VAL A 21 31.83 -1.23 -14.51
N ILE A 22 30.78 -0.75 -13.87
CA ILE A 22 30.95 0.10 -12.66
C ILE A 22 31.49 -0.69 -11.44
N TRP A 23 31.15 -1.97 -11.37
CA TRP A 23 31.65 -2.89 -10.34
C TRP A 23 33.18 -2.89 -10.37
N LYS A 24 33.74 -2.87 -11.58
CA LYS A 24 35.19 -2.81 -11.77
C LYS A 24 35.75 -1.48 -11.30
N LYS A 25 35.06 -0.39 -11.64
CA LYS A 25 35.48 0.95 -11.22
C LYS A 25 35.42 1.09 -9.70
N ILE A 26 34.41 0.45 -9.10
CA ILE A 26 34.19 0.50 -7.64
C ILE A 26 35.28 -0.23 -6.86
N LYS A 27 35.63 -1.42 -7.32
CA LYS A 27 36.72 -2.17 -6.70
C LYS A 27 38.05 -1.45 -6.75
N GLU A 28 38.40 -0.99 -7.95
CA GLU A 28 39.71 -0.40 -8.23
C GLU A 28 39.90 0.95 -7.55
N THR A 29 38.81 1.73 -7.47
CA THR A 29 38.86 3.12 -6.99
C THR A 29 38.46 3.30 -5.50
N LEU A 30 37.41 2.59 -5.05
CA LEU A 30 36.83 2.78 -3.69
C LEU A 30 37.13 1.70 -2.64
N ILE A 31 37.37 0.46 -3.05
CA ILE A 31 37.59 -0.65 -2.08
C ILE A 31 39.10 -0.94 -1.90
N PHE A 32 39.71 -1.67 -2.85
CA PHE A 32 41.06 -2.25 -2.68
C PHE A 32 42.18 -1.29 -2.29
N PRO A 33 42.15 -0.02 -2.77
CA PRO A 33 43.16 0.94 -2.27
C PRO A 33 43.18 1.17 -0.76
N PHE A 34 42.03 1.04 -0.09
CA PHE A 34 41.89 1.40 1.33
C PHE A 34 41.70 0.22 2.26
N VAL A 35 41.31 -0.93 1.73
CA VAL A 35 41.08 -2.12 2.51
C VAL A 35 41.78 -3.30 1.83
N ASN A 36 42.28 -4.22 2.64
CA ASN A 36 42.94 -5.44 2.18
C ASN A 36 42.07 -6.62 2.55
N VAL A 37 41.04 -6.84 1.75
CA VAL A 37 40.12 -7.94 2.00
C VAL A 37 40.48 -9.13 1.13
N PRO A 38 40.49 -10.34 1.73
CA PRO A 38 40.55 -11.53 0.90
C PRO A 38 39.21 -11.76 0.23
N ILE A 39 39.23 -11.85 -1.10
CA ILE A 39 38.05 -12.16 -1.93
C ILE A 39 38.12 -13.62 -2.35
N GLU A 40 36.96 -14.26 -2.59
CA GLU A 40 36.86 -15.51 -3.36
C GLU A 40 35.99 -15.26 -4.61
N TYR A 41 36.64 -14.95 -5.73
CA TYR A 41 35.99 -14.50 -6.97
C TYR A 41 35.19 -15.58 -7.71
N TYR A 42 33.99 -15.25 -8.16
CA TYR A 42 33.19 -16.12 -9.04
C TYR A 42 32.56 -15.26 -10.12
N ASP A 43 32.65 -15.69 -11.38
CA ASP A 43 32.19 -14.88 -12.51
C ASP A 43 30.83 -15.33 -12.96
N LEU A 44 29.81 -14.57 -12.58
CA LEU A 44 28.42 -14.86 -12.96
C LEU A 44 27.95 -14.00 -14.15
N SER A 45 28.89 -13.63 -15.03
CA SER A 45 28.55 -13.08 -16.36
C SER A 45 27.73 -14.12 -17.11
N MET A 46 26.83 -13.67 -17.96
CA MET A 46 25.99 -14.57 -18.77
C MET A 46 26.80 -15.54 -19.66
N GLU A 47 27.97 -15.09 -20.13
CA GLU A 47 28.92 -15.92 -20.88
C GLU A 47 29.38 -17.11 -20.04
N ASN A 48 29.99 -16.82 -18.88
CA ASN A 48 30.56 -17.86 -18.04
C ASN A 48 29.52 -18.80 -17.43
N ARG A 49 28.32 -18.30 -17.19
CA ARG A 49 27.21 -19.13 -16.74
C ARG A 49 26.82 -20.15 -17.81
N ASP A 50 26.65 -19.72 -19.07
CA ASP A 50 26.41 -20.69 -20.17
C ASP A 50 27.59 -21.67 -20.35
N LYS A 51 28.79 -21.13 -20.57
CA LYS A 51 30.02 -21.93 -20.69
C LYS A 51 30.08 -23.06 -19.65
N THR A 52 29.83 -22.70 -18.39
CA THR A 52 29.82 -23.64 -17.26
C THR A 52 28.48 -24.38 -17.00
N GLU A 53 27.53 -24.34 -17.94
CA GLU A 53 26.19 -24.90 -17.73
C GLU A 53 25.59 -24.52 -16.36
N ASP A 54 25.53 -23.20 -16.14
CA ASP A 54 25.09 -22.54 -14.90
C ASP A 54 25.73 -23.09 -13.59
N ARG A 55 26.98 -23.57 -13.67
CA ARG A 55 27.62 -24.20 -12.52
C ARG A 55 28.27 -23.20 -11.57
N VAL A 56 28.96 -22.17 -12.11
CA VAL A 56 29.43 -21.04 -11.29
C VAL A 56 28.39 -20.59 -10.28
N THR A 57 27.14 -20.48 -10.71
CA THR A 57 26.06 -19.95 -9.88
C THR A 57 25.88 -20.80 -8.64
N VAL A 58 25.87 -22.12 -8.82
CA VAL A 58 25.74 -23.03 -7.67
C VAL A 58 26.96 -22.95 -6.73
N GLU A 59 28.17 -22.99 -7.28
CA GLU A 59 29.40 -22.87 -6.49
C GLU A 59 29.58 -21.49 -5.82
N ALA A 60 29.05 -20.43 -6.44
CA ALA A 60 28.99 -19.12 -5.80
C ALA A 60 28.12 -19.19 -4.55
N ALA A 61 26.94 -19.79 -4.67
CA ALA A 61 26.01 -19.92 -3.52
C ALA A 61 26.63 -20.68 -2.35
N TYR A 62 27.17 -21.88 -2.63
CA TYR A 62 27.83 -22.67 -1.57
C TYR A 62 29.03 -21.92 -0.95
N ALA A 63 29.82 -21.21 -1.75
CA ALA A 63 30.94 -20.40 -1.20
C ALA A 63 30.48 -19.26 -0.26
N ILE A 64 29.39 -18.59 -0.63
CA ILE A 64 28.64 -17.67 0.26
C ILE A 64 28.26 -18.35 1.57
N LYS A 65 27.73 -19.57 1.50
CA LYS A 65 27.38 -20.32 2.71
C LYS A 65 28.62 -20.59 3.60
N LYS A 66 29.73 -21.03 3.01
CA LYS A 66 30.92 -21.34 3.82
C LYS A 66 31.58 -20.09 4.40
N HIS A 67 31.70 -19.04 3.61
CA HIS A 67 32.34 -17.80 4.06
C HIS A 67 31.42 -16.86 4.84
N GLY A 68 30.10 -16.99 4.67
CA GLY A 68 29.13 -16.18 5.42
C GLY A 68 28.63 -14.89 4.78
N VAL A 69 29.40 -14.32 3.84
CA VAL A 69 29.01 -13.11 3.15
C VAL A 69 29.19 -13.25 1.66
N GLY A 70 28.36 -12.55 0.88
CA GLY A 70 28.62 -12.35 -0.54
C GLY A 70 28.11 -11.04 -1.08
N VAL A 71 28.95 -10.33 -1.84
CA VAL A 71 28.50 -9.19 -2.63
C VAL A 71 28.11 -9.80 -3.96
N LYS A 72 27.18 -9.21 -4.67
CA LYS A 72 26.79 -9.74 -5.97
C LYS A 72 26.32 -8.67 -6.91
N CYS A 73 26.98 -8.64 -8.06
CA CYS A 73 26.71 -7.72 -9.10
C CYS A 73 25.46 -8.20 -9.81
N ALA A 74 24.75 -7.25 -10.40
CA ALA A 74 23.50 -7.53 -11.07
C ALA A 74 23.77 -8.48 -12.21
N THR A 75 22.78 -9.30 -12.51
CA THR A 75 22.93 -10.42 -13.39
C THR A 75 21.72 -10.57 -14.33
N ILE A 76 21.98 -10.84 -15.60
CA ILE A 76 20.92 -11.04 -16.58
C ILE A 76 20.25 -12.37 -16.28
N THR A 77 18.92 -12.39 -16.19
CA THR A 77 18.21 -13.69 -16.13
C THR A 77 17.61 -14.02 -17.52
N PRO A 78 17.88 -15.24 -18.02
CA PRO A 78 17.45 -15.62 -19.37
C PRO A 78 15.94 -15.56 -19.70
N ASP A 79 15.63 -14.95 -20.84
CA ASP A 79 14.34 -15.10 -21.54
C ASP A 79 14.66 -15.54 -22.98
N GLU A 80 13.67 -15.47 -23.87
CA GLU A 80 13.80 -15.98 -25.22
C GLU A 80 14.64 -15.00 -26.06
N ALA A 81 14.45 -13.70 -25.82
CA ALA A 81 15.27 -12.65 -26.43
C ALA A 81 16.78 -12.86 -26.16
N ARG A 82 17.11 -13.27 -24.93
CA ARG A 82 18.50 -13.47 -24.51
C ARG A 82 19.13 -14.82 -25.00
N VAL A 83 18.32 -15.85 -25.25
CA VAL A 83 18.88 -17.12 -25.77
C VAL A 83 19.48 -16.92 -27.17
N LYS A 84 18.78 -16.12 -27.97
CA LYS A 84 19.21 -15.76 -29.34
C LYS A 84 20.45 -14.86 -29.29
N GLU A 85 20.41 -13.85 -28.43
CA GLU A 85 21.51 -12.91 -28.27
C GLU A 85 22.81 -13.60 -27.85
N PHE A 86 22.79 -14.30 -26.73
CA PHE A 86 23.99 -14.92 -26.17
C PHE A 86 24.26 -16.36 -26.62
N ASN A 87 23.37 -16.92 -27.45
CA ASN A 87 23.55 -18.29 -27.98
C ASN A 87 23.66 -19.34 -26.85
N LEU A 88 22.59 -19.46 -26.06
CA LEU A 88 22.56 -20.26 -24.83
C LEU A 88 22.06 -21.68 -25.11
N LYS A 89 22.73 -22.67 -24.51
CA LYS A 89 22.34 -24.11 -24.63
C LYS A 89 20.89 -24.32 -24.16
N LYS A 90 20.60 -23.84 -22.95
CA LYS A 90 19.21 -23.75 -22.45
C LYS A 90 18.95 -22.41 -21.77
N MET A 91 17.67 -22.15 -21.49
CA MET A 91 17.22 -20.95 -20.80
C MET A 91 17.40 -21.11 -19.29
N TRP A 92 18.57 -20.67 -18.82
CA TRP A 92 19.00 -20.94 -17.45
C TRP A 92 18.16 -20.12 -16.46
N ARG A 93 17.99 -20.69 -15.26
CA ARG A 93 17.23 -20.06 -14.20
C ARG A 93 17.92 -18.78 -13.73
N SER A 94 17.09 -17.86 -13.22
CA SER A 94 17.55 -16.63 -12.61
C SER A 94 18.52 -16.94 -11.52
N PRO A 95 19.73 -16.36 -11.59
CA PRO A 95 20.72 -16.68 -10.55
C PRO A 95 20.28 -16.29 -9.16
N ASN A 96 19.39 -15.30 -9.04
CA ASN A 96 18.84 -14.95 -7.74
C ASN A 96 17.95 -16.07 -7.19
N GLY A 97 17.10 -16.67 -8.02
CA GLY A 97 16.28 -17.80 -7.57
C GLY A 97 17.14 -18.96 -7.09
N THR A 98 18.14 -19.28 -7.91
CA THR A 98 19.09 -20.36 -7.63
C THR A 98 19.80 -20.18 -6.28
N ILE A 99 20.31 -18.98 -6.03
CA ILE A 99 21.08 -18.66 -4.82
C ILE A 99 20.16 -18.68 -3.59
N ARG A 100 19.01 -18.02 -3.69
CA ARG A 100 18.02 -18.00 -2.63
C ARG A 100 17.54 -19.39 -2.23
N THR A 101 17.25 -20.22 -3.21
CA THR A 101 16.83 -21.58 -2.98
C THR A 101 17.86 -22.32 -2.07
N ILE A 102 19.12 -22.28 -2.50
CA ILE A 102 20.23 -22.90 -1.79
C ILE A 102 20.45 -22.32 -0.37
N LEU A 103 20.53 -20.99 -0.27
CA LEU A 103 20.76 -20.34 1.02
C LEU A 103 19.57 -20.36 1.92
N GLY A 104 18.38 -20.27 1.35
CA GLY A 104 17.18 -19.96 2.13
C GLY A 104 17.24 -18.50 2.61
N GLY A 105 16.25 -18.10 3.40
CA GLY A 105 16.24 -16.76 3.96
C GLY A 105 15.36 -15.77 3.24
N THR A 106 15.46 -14.51 3.66
CA THR A 106 14.45 -13.49 3.42
C THR A 106 15.17 -12.25 2.95
N VAL A 107 14.68 -11.64 1.88
CA VAL A 107 15.29 -10.40 1.40
C VAL A 107 14.73 -9.20 2.17
N PHE A 108 15.61 -8.32 2.58
CA PHE A 108 15.23 -7.06 3.19
C PHE A 108 15.78 -5.96 2.29
N ARG A 109 14.97 -4.95 1.98
CA ARG A 109 15.41 -3.83 1.12
C ARG A 109 15.69 -2.54 1.91
N GLU A 110 16.92 -2.03 1.88
CA GLU A 110 17.34 -0.82 2.63
C GLU A 110 17.61 0.34 1.66
N PRO A 111 16.85 1.45 1.79
CA PRO A 111 17.14 2.62 0.95
C PRO A 111 18.25 3.45 1.50
N ILE A 112 18.83 4.30 0.68
CA ILE A 112 19.92 5.16 1.07
C ILE A 112 19.40 6.61 0.98
N ILE A 113 19.49 7.35 2.07
CA ILE A 113 18.91 8.68 2.16
C ILE A 113 19.97 9.78 2.24
N CYS A 114 19.79 10.82 1.43
CA CYS A 114 20.53 12.07 1.63
C CYS A 114 19.55 13.21 1.89
N SER A 115 20.01 14.23 2.61
CA SER A 115 19.12 15.34 3.01
C SER A 115 18.66 16.17 1.82
N ASN A 116 19.51 16.28 0.82
CA ASN A 116 19.23 17.11 -0.34
C ASN A 116 18.40 16.42 -1.41
N VAL A 117 18.21 15.11 -1.32
CA VAL A 117 17.38 14.41 -2.33
C VAL A 117 16.08 14.02 -1.65
N PRO A 118 14.97 14.70 -2.02
CA PRO A 118 13.83 14.55 -1.13
C PRO A 118 13.08 13.31 -1.47
N ARG A 119 12.42 12.79 -0.45
CA ARG A 119 11.49 11.69 -0.62
C ARG A 119 10.15 12.29 -1.02
N LEU A 120 9.31 11.45 -1.61
CA LEU A 120 7.94 11.80 -1.92
C LEU A 120 7.09 11.93 -0.66
N VAL A 121 7.51 11.33 0.44
CA VAL A 121 6.79 11.47 1.71
C VAL A 121 7.55 12.35 2.70
N THR A 122 6.93 13.45 3.05
CA THR A 122 7.60 14.51 3.75
C THR A 122 7.96 14.13 5.19
N THR A 123 7.40 13.05 5.74
CA THR A 123 7.69 12.64 7.12
C THR A 123 8.92 11.75 7.23
N TRP A 124 9.33 11.15 6.13
CA TRP A 124 10.40 10.13 6.17
C TRP A 124 11.80 10.69 6.38
N LYS A 125 12.38 10.38 7.56
CA LYS A 125 13.76 10.71 7.91
C LYS A 125 14.72 9.52 8.10
N LYS A 126 14.18 8.35 8.38
CA LYS A 126 14.97 7.16 8.53
C LYS A 126 14.41 6.12 7.59
N PRO A 127 15.19 5.06 7.31
CA PRO A 127 14.76 4.03 6.38
C PRO A 127 13.72 3.09 6.97
N VAL A 128 12.83 2.60 6.12
CA VAL A 128 11.84 1.62 6.47
C VAL A 128 12.27 0.43 5.66
N VAL A 129 12.53 -0.66 6.34
CA VAL A 129 13.09 -1.86 5.71
C VAL A 129 12.02 -2.90 5.67
N ILE A 130 11.57 -3.21 4.47
CA ILE A 130 10.61 -4.28 4.26
C ILE A 130 11.34 -5.60 4.09
N GLY A 131 10.81 -6.62 4.76
CA GLY A 131 11.27 -7.98 4.66
C GLY A 131 10.09 -8.77 4.23
N ARG A 132 10.21 -9.42 3.08
CA ARG A 132 9.10 -10.10 2.44
C ARG A 132 9.12 -11.58 2.70
N HIS A 133 7.98 -12.14 3.06
CA HIS A 133 7.94 -13.57 3.39
C HIS A 133 8.34 -14.34 2.14
N ALA A 134 7.58 -14.35 1.08
CA ALA A 134 8.16 -14.92 -0.18
C ALA A 134 8.19 -16.44 -0.29
N PHE A 135 7.34 -17.12 0.46
CA PHE A 135 7.08 -18.50 0.22
C PHE A 135 5.57 -18.56 0.32
N GLY A 136 5.02 -19.35 -0.58
CA GLY A 136 3.70 -19.12 -1.11
C GLY A 136 2.59 -18.79 -0.14
N ASP A 137 1.73 -17.89 -0.57
CA ASP A 137 0.36 -17.85 -0.16
C ASP A 137 -0.34 -17.83 -1.56
N GLN A 138 -0.60 -16.65 -2.12
CA GLN A 138 -1.22 -16.61 -3.47
C GLN A 138 -0.19 -16.98 -4.55
N TYR A 139 1.10 -16.98 -4.20
CA TYR A 139 2.18 -17.29 -5.12
C TYR A 139 2.41 -18.81 -5.24
N SER A 140 1.75 -19.64 -4.43
CA SER A 140 1.77 -21.11 -4.64
C SER A 140 0.35 -21.68 -4.74
N ALA A 141 -0.60 -20.81 -5.07
CA ALA A 141 -2.00 -21.09 -4.89
C ALA A 141 -2.54 -21.80 -6.12
N THR A 142 -3.76 -22.31 -5.97
CA THR A 142 -4.48 -22.98 -7.04
C THR A 142 -5.81 -22.28 -7.25
N ASP A 143 -5.98 -21.69 -8.41
CA ASP A 143 -7.19 -20.92 -8.73
C ASP A 143 -7.82 -21.50 -9.99
N ALA A 144 -9.13 -21.37 -10.12
CA ALA A 144 -9.78 -21.71 -11.37
C ALA A 144 -11.04 -20.89 -11.48
N VAL A 145 -11.49 -20.68 -12.72
CA VAL A 145 -12.78 -20.02 -12.93
C VAL A 145 -13.84 -21.10 -12.85
N VAL A 146 -15.01 -20.69 -12.39
CA VAL A 146 -16.14 -21.55 -12.25
C VAL A 146 -17.05 -21.10 -13.37
N LYS A 147 -17.36 -22.00 -14.29
CA LYS A 147 -18.24 -21.74 -15.45
C LYS A 147 -19.62 -22.32 -15.22
N GLU A 148 -19.66 -23.58 -14.78
CA GLU A 148 -20.89 -24.27 -14.35
C GLU A 148 -21.49 -23.62 -13.09
N PRO A 149 -22.67 -24.12 -12.66
CA PRO A 149 -23.15 -23.87 -11.31
C PRO A 149 -22.93 -25.07 -10.38
N GLY A 150 -22.00 -24.95 -9.44
CA GLY A 150 -21.71 -26.01 -8.48
C GLY A 150 -21.23 -25.49 -7.13
N THR A 151 -20.64 -26.37 -6.35
CA THR A 151 -20.23 -26.03 -4.98
C THR A 151 -18.75 -26.29 -4.75
N PHE A 152 -18.12 -25.29 -4.13
CA PHE A 152 -16.71 -25.27 -3.82
C PHE A 152 -16.56 -25.84 -2.41
N GLU A 153 -15.77 -26.91 -2.31
CA GLU A 153 -15.49 -27.60 -1.05
C GLU A 153 -14.00 -27.85 -0.83
N MET A 154 -13.53 -27.46 0.38
CA MET A 154 -12.14 -27.67 0.81
C MET A 154 -12.11 -28.91 1.64
N ARG A 155 -11.02 -29.67 1.53
CA ARG A 155 -10.82 -30.87 2.37
C ARG A 155 -9.43 -30.93 2.95
N PHE A 156 -9.34 -31.35 4.21
CA PHE A 156 -8.10 -31.89 4.79
C PHE A 156 -8.22 -33.37 5.16
N ILE A 157 -7.31 -34.16 4.60
CA ILE A 157 -7.33 -35.61 4.67
C ILE A 157 -6.08 -36.08 5.47
N PRO A 158 -6.21 -36.31 6.79
CA PRO A 158 -5.04 -36.76 7.56
C PRO A 158 -4.22 -37.86 6.89
N ALA A 159 -2.90 -37.77 6.99
CA ALA A 159 -1.99 -38.74 6.39
C ALA A 159 -2.11 -40.10 7.06
N ASN A 160 -2.42 -40.08 8.36
CA ASN A 160 -2.78 -41.27 9.12
C ASN A 160 -4.24 -41.68 8.82
N GLY A 161 -4.79 -42.58 9.63
CA GLY A 161 -6.21 -42.92 9.51
C GLY A 161 -7.22 -41.77 9.48
N GLY A 162 -7.03 -40.78 10.36
CA GLY A 162 -8.00 -39.73 10.70
C GLY A 162 -9.11 -39.30 9.73
N GLU A 163 -10.23 -38.85 10.32
CA GLU A 163 -11.42 -38.52 9.56
C GLU A 163 -11.22 -37.26 8.71
N PRO A 164 -11.80 -37.25 7.49
CA PRO A 164 -11.71 -35.99 6.74
C PRO A 164 -12.43 -34.88 7.46
N LYS A 165 -11.93 -33.66 7.32
CA LYS A 165 -12.68 -32.49 7.70
C LYS A 165 -12.97 -31.72 6.41
N VAL A 166 -14.22 -31.30 6.27
CA VAL A 166 -14.70 -30.75 5.01
C VAL A 166 -15.26 -29.38 5.32
N TYR A 167 -14.93 -28.43 4.45
CA TYR A 167 -15.42 -27.08 4.55
C TYR A 167 -16.31 -26.80 3.30
N LYS A 168 -17.49 -26.25 3.61
CA LYS A 168 -18.49 -25.81 2.65
C LYS A 168 -18.25 -24.33 2.45
N VAL A 169 -17.61 -23.98 1.35
CA VAL A 169 -17.15 -22.60 1.11
C VAL A 169 -18.26 -21.75 0.48
N PHE A 170 -18.76 -22.20 -0.68
CA PHE A 170 -19.76 -21.48 -1.48
C PHE A 170 -20.49 -22.37 -2.53
N ASP A 171 -21.52 -21.77 -3.12
CA ASP A 171 -22.55 -22.32 -3.98
C ASP A 171 -22.75 -21.35 -5.16
N TYR A 172 -22.38 -21.76 -6.37
CA TYR A 172 -22.41 -20.89 -7.55
C TYR A 172 -23.65 -21.12 -8.46
N LYS A 173 -24.35 -20.02 -8.78
CA LYS A 173 -25.53 -20.05 -9.66
C LYS A 173 -25.12 -19.58 -11.05
N SER A 174 -24.56 -18.39 -11.09
CA SER A 174 -23.89 -17.91 -12.25
C SER A 174 -22.43 -18.17 -11.93
N GLY A 175 -21.54 -17.83 -12.85
CA GLY A 175 -20.13 -18.12 -12.71
C GLY A 175 -19.46 -17.51 -11.49
N GLY A 176 -18.16 -17.67 -11.45
CA GLY A 176 -17.37 -17.04 -10.44
C GLY A 176 -15.98 -17.58 -10.42
N VAL A 177 -15.38 -17.51 -9.25
CA VAL A 177 -13.96 -17.75 -9.11
C VAL A 177 -13.69 -18.43 -7.74
N MET A 178 -12.71 -19.31 -7.70
CA MET A 178 -12.37 -20.02 -6.46
C MET A 178 -10.88 -20.16 -6.33
N MET A 179 -10.39 -20.16 -5.09
CA MET A 179 -8.97 -20.26 -4.82
C MET A 179 -8.72 -21.05 -3.56
N GLY A 180 -7.57 -21.75 -3.55
CA GLY A 180 -6.97 -22.28 -2.36
C GLY A 180 -5.50 -21.91 -2.22
N MET A 181 -5.08 -21.70 -0.98
CA MET A 181 -3.69 -21.36 -0.70
C MET A 181 -3.25 -21.84 0.67
N TYR A 182 -1.95 -21.95 0.81
CA TYR A 182 -1.39 -22.57 2.00
C TYR A 182 -0.11 -21.85 2.41
N ASN A 183 0.31 -22.10 3.64
CA ASN A 183 1.67 -21.84 4.06
C ASN A 183 2.08 -22.88 5.10
N THR A 184 3.36 -22.94 5.43
CA THR A 184 3.83 -23.98 6.38
C THR A 184 4.43 -23.31 7.57
N ASP A 185 4.34 -23.94 8.73
CA ASP A 185 5.02 -23.40 9.94
C ASP A 185 6.53 -23.33 9.78
N ASP A 186 7.11 -24.26 9.03
CA ASP A 186 8.56 -24.26 8.78
C ASP A 186 8.99 -23.00 8.04
N SER A 187 8.26 -22.61 7.00
CA SER A 187 8.57 -21.38 6.29
C SER A 187 8.28 -20.12 7.11
N ILE A 188 7.14 -20.08 7.79
CA ILE A 188 6.76 -18.91 8.61
C ILE A 188 7.83 -18.72 9.67
N ARG A 189 8.20 -19.82 10.33
CA ARG A 189 9.15 -19.78 11.41
C ARG A 189 10.50 -19.27 10.94
N ASP A 190 10.99 -19.77 9.81
CA ASP A 190 12.26 -19.32 9.22
C ASP A 190 12.31 -17.85 8.71
N PHE A 191 11.17 -17.36 8.23
CA PHE A 191 10.90 -15.97 7.98
C PHE A 191 11.00 -15.16 9.27
N ALA A 192 10.34 -15.62 10.32
CA ALA A 192 10.41 -14.90 11.57
C ALA A 192 11.88 -14.83 12.06
N ARG A 193 12.60 -15.93 11.94
CA ARG A 193 13.99 -15.95 12.36
C ARG A 193 14.83 -14.91 11.62
N SER A 194 14.78 -14.91 10.29
CA SER A 194 15.51 -13.90 9.49
C SER A 194 15.20 -12.48 9.89
N CYS A 195 13.91 -12.18 10.10
CA CYS A 195 13.46 -10.88 10.54
C CYS A 195 14.05 -10.53 11.86
N PHE A 196 13.99 -11.46 12.80
CA PHE A 196 14.50 -11.17 14.15
C PHE A 196 16.03 -10.95 14.17
N GLU A 197 16.76 -11.78 13.45
CA GLU A 197 18.23 -11.66 13.31
C GLU A 197 18.56 -10.33 12.64
N PHE A 198 17.86 -10.04 11.54
CA PHE A 198 18.00 -8.76 10.82
C PHE A 198 17.76 -7.58 11.72
N ALA A 199 16.60 -7.53 12.39
CA ALA A 199 16.32 -6.41 13.27
C ALA A 199 17.39 -6.26 14.36
N LEU A 200 17.79 -7.38 14.96
CA LEU A 200 18.80 -7.33 16.02
C LEU A 200 20.15 -6.84 15.48
N ALA A 201 20.58 -7.36 14.33
CA ALA A 201 21.84 -6.89 13.75
C ALA A 201 21.83 -5.39 13.38
N ARG A 202 20.67 -4.85 13.02
CA ARG A 202 20.53 -3.45 12.65
C ARG A 202 20.17 -2.56 13.85
N LYS A 203 19.87 -3.16 15.00
CA LYS A 203 19.40 -2.40 16.17
C LYS A 203 18.22 -1.50 15.83
N TRP A 204 17.28 -2.05 15.06
CA TRP A 204 16.01 -1.40 14.76
C TRP A 204 14.88 -2.23 15.31
N PRO A 205 13.79 -1.58 15.73
CA PRO A 205 12.61 -2.37 16.04
C PRO A 205 12.03 -3.07 14.81
N LEU A 206 11.25 -4.13 15.09
CA LEU A 206 10.59 -4.98 14.11
C LEU A 206 9.08 -4.92 14.31
N TYR A 207 8.34 -4.81 13.20
CA TYR A 207 6.87 -4.93 13.16
C TYR A 207 6.50 -5.99 12.20
N LEU A 208 5.52 -6.81 12.58
CA LEU A 208 4.87 -7.72 11.66
C LEU A 208 3.50 -7.11 11.35
N SER A 209 3.10 -7.16 10.07
CA SER A 209 1.76 -6.83 9.65
C SER A 209 0.98 -8.07 9.23
N THR A 210 -0.24 -8.21 9.72
CA THR A 210 -1.16 -9.21 9.18
C THR A 210 -2.53 -8.63 9.23
N LYS A 211 -3.47 -9.43 8.76
CA LYS A 211 -4.88 -9.15 8.77
C LYS A 211 -5.59 -10.25 9.54
N ASN A 212 -5.14 -10.49 10.77
CA ASN A 212 -5.71 -11.56 11.58
C ASN A 212 -7.07 -11.23 12.19
N THR A 213 -7.52 -9.97 12.11
CA THR A 213 -8.93 -9.67 12.41
C THR A 213 -9.91 -10.38 11.44
N ILE A 214 -9.48 -10.68 10.21
CA ILE A 214 -10.32 -11.33 9.20
C ILE A 214 -9.88 -12.77 8.94
N LEU A 215 -8.58 -13.00 8.79
CA LEU A 215 -8.06 -14.37 8.70
C LEU A 215 -7.53 -14.81 10.07
N LYS A 216 -8.47 -15.11 10.96
CA LYS A 216 -8.15 -15.41 12.37
C LYS A 216 -7.24 -16.62 12.54
N HIS A 217 -7.42 -17.62 11.71
CA HIS A 217 -6.60 -18.78 11.77
C HIS A 217 -5.36 -18.58 10.93
N TYR A 218 -5.55 -18.21 9.65
CA TYR A 218 -4.45 -18.16 8.72
C TYR A 218 -3.37 -17.15 9.15
N ASP A 219 -3.78 -15.93 9.48
CA ASP A 219 -2.85 -14.84 9.84
C ASP A 219 -2.51 -14.93 11.32
N GLY A 220 -3.43 -15.43 12.14
CA GLY A 220 -3.17 -15.70 13.56
C GLY A 220 -2.00 -16.63 13.77
N ARG A 221 -1.80 -17.55 12.84
CA ARG A 221 -0.64 -18.38 12.82
C ARG A 221 0.67 -17.58 12.63
N PHE A 222 0.65 -16.65 11.69
CA PHE A 222 1.74 -15.70 11.52
C PHE A 222 2.02 -14.97 12.80
N LYS A 223 1.01 -14.31 13.34
CA LYS A 223 1.20 -13.61 14.59
C LYS A 223 1.75 -14.54 15.72
N ASP A 224 1.27 -15.78 15.82
CA ASP A 224 1.66 -16.68 16.92
C ASP A 224 3.07 -17.15 16.81
N ILE A 225 3.50 -17.57 15.61
CA ILE A 225 4.86 -18.07 15.42
C ILE A 225 5.89 -17.00 15.68
N PHE A 226 5.63 -15.76 15.26
CA PHE A 226 6.48 -14.61 15.63
C PHE A 226 6.55 -14.38 17.15
N ALA A 227 5.42 -14.52 17.83
CA ALA A 227 5.37 -14.30 19.30
C ALA A 227 6.12 -15.41 20.05
N GLU A 228 6.00 -16.65 19.56
CA GLU A 228 6.78 -17.82 20.06
C GLU A 228 8.29 -17.58 19.91
N MET A 229 8.70 -17.08 18.74
CA MET A 229 10.10 -16.88 18.38
C MET A 229 10.66 -15.74 19.23
N TYR A 230 9.84 -14.73 19.50
CA TYR A 230 10.27 -13.55 20.23
C TYR A 230 10.56 -13.95 21.67
N LYS A 231 9.55 -14.47 22.34
CA LYS A 231 9.65 -14.83 23.77
C LYS A 231 10.85 -15.74 24.11
N ALA A 232 11.02 -16.77 23.26
CA ALA A 232 12.00 -17.85 23.39
C ALA A 232 13.42 -17.44 23.15
N LEU A 233 13.62 -16.74 22.04
CA LEU A 233 14.97 -16.52 21.50
C LEU A 233 15.45 -15.04 21.37
N TYR A 234 14.53 -14.08 21.43
CA TYR A 234 14.83 -12.69 21.06
C TYR A 234 14.37 -11.60 22.01
N GLU A 235 13.33 -11.79 22.80
CA GLU A 235 12.85 -10.67 23.63
C GLU A 235 13.98 -10.08 24.44
N THR A 236 14.74 -10.92 25.15
CA THR A 236 15.84 -10.48 26.03
C THR A 236 16.90 -9.68 25.28
N LYS A 237 17.35 -10.23 24.15
CA LYS A 237 18.41 -9.63 23.39
C LYS A 237 17.94 -8.30 22.83
N PHE A 238 16.68 -8.23 22.41
CA PHE A 238 16.04 -6.97 22.01
C PHE A 238 15.95 -5.94 23.14
N LYS A 239 15.54 -6.34 24.35
CA LYS A 239 15.42 -5.39 25.47
C LYS A 239 16.74 -4.77 25.82
N THR A 240 17.76 -5.62 25.99
CA THR A 240 19.14 -5.23 26.23
C THR A 240 19.62 -4.17 25.25
N CYS A 241 19.30 -4.41 23.99
CA CYS A 241 19.75 -3.61 22.85
C CYS A 241 18.87 -2.37 22.55
N GLY A 242 17.84 -2.11 23.34
CA GLY A 242 16.99 -0.92 23.19
C GLY A 242 15.92 -0.95 22.10
N ILE A 243 15.55 -2.16 21.63
CA ILE A 243 14.54 -2.37 20.57
C ILE A 243 13.45 -3.35 21.01
N PHE A 244 12.45 -3.54 20.16
CA PHE A 244 11.26 -4.33 20.49
C PHE A 244 10.63 -4.95 19.24
N TYR A 245 9.69 -5.87 19.46
CA TYR A 245 8.90 -6.49 18.41
C TYR A 245 7.43 -6.31 18.72
N GLU A 246 6.65 -5.99 17.70
CA GLU A 246 5.24 -5.72 17.84
C GLU A 246 4.49 -6.23 16.60
N HIS A 247 3.39 -6.97 16.80
CA HIS A 247 2.44 -7.26 15.74
C HIS A 247 1.45 -6.12 15.52
N ARG A 248 1.22 -5.73 14.27
CA ARG A 248 0.22 -4.73 13.96
C ARG A 248 -0.63 -5.16 12.78
N LEU A 249 -1.80 -4.55 12.71
CA LEU A 249 -2.71 -4.79 11.63
C LEU A 249 -2.16 -4.11 10.39
N ILE A 250 -2.24 -4.79 9.26
CA ILE A 250 -1.79 -4.24 7.97
C ILE A 250 -2.34 -2.84 7.68
N ASP A 251 -3.60 -2.59 8.04
CA ASP A 251 -4.23 -1.26 7.96
C ASP A 251 -3.49 -0.24 8.80
N ASP A 252 -3.20 -0.60 10.06
CA ASP A 252 -2.49 0.26 11.02
C ASP A 252 -1.12 0.61 10.47
N MET A 253 -0.46 -0.40 9.94
CA MET A 253 0.95 -0.33 9.53
C MET A 253 1.24 0.47 8.26
N VAL A 254 0.34 0.42 7.26
CA VAL A 254 0.44 1.30 6.09
C VAL A 254 0.17 2.77 6.45
N ALA A 255 -0.63 3.02 7.47
CA ALA A 255 -0.83 4.37 7.97
C ALA A 255 0.41 4.75 8.78
N HIS A 256 0.89 3.86 9.65
CA HIS A 256 2.14 4.09 10.39
C HIS A 256 3.26 4.39 9.43
N CYS A 257 3.32 3.69 8.30
CA CYS A 257 4.37 3.97 7.35
C CYS A 257 4.26 5.38 6.77
N MET A 258 3.04 5.81 6.47
CA MET A 258 2.82 7.14 5.95
C MET A 258 3.19 8.22 6.97
N ARG A 259 2.85 7.95 8.23
CA ARG A 259 2.86 8.94 9.30
C ARG A 259 4.26 9.08 9.92
N SER A 260 4.98 7.97 10.02
CA SER A 260 6.13 7.85 10.90
C SER A 260 7.42 8.42 10.31
N GLU A 261 8.36 8.66 11.19
CA GLU A 261 9.69 9.07 10.84
C GLU A 261 10.47 7.96 10.12
N GLY A 262 10.09 6.70 10.35
CA GLY A 262 10.88 5.54 9.90
C GLY A 262 11.86 5.10 10.98
N GLY A 263 12.84 4.30 10.57
CA GLY A 263 13.76 3.59 11.47
C GLY A 263 13.17 2.29 12.07
N TYR A 264 12.79 1.33 11.23
CA TYR A 264 12.25 0.06 11.71
C TYR A 264 12.26 -0.93 10.58
N VAL A 265 12.22 -2.21 10.95
CA VAL A 265 12.06 -3.28 10.00
C VAL A 265 10.62 -3.63 10.01
N TRP A 266 10.08 -3.96 8.85
CA TRP A 266 8.68 -4.25 8.68
C TRP A 266 8.56 -5.60 8.01
N ALA A 267 8.16 -6.60 8.80
CA ALA A 267 7.88 -7.93 8.25
C ALA A 267 6.51 -7.97 7.55
N CYS A 268 6.50 -8.33 6.27
CA CYS A 268 5.29 -8.42 5.45
C CYS A 268 5.09 -9.81 4.94
N LYS A 269 3.86 -10.24 4.92
CA LYS A 269 3.53 -11.48 4.25
C LYS A 269 3.86 -11.36 2.76
N ASN A 270 3.80 -12.47 2.03
CA ASN A 270 4.24 -12.53 0.60
C ASN A 270 3.67 -11.40 -0.26
N TYR A 271 2.34 -11.31 -0.26
CA TYR A 271 1.60 -10.37 -1.06
C TYR A 271 1.89 -8.91 -0.62
N ASP A 272 1.65 -8.64 0.65
CA ASP A 272 1.89 -7.32 1.22
C ASP A 272 3.31 -6.82 0.94
N GLY A 273 4.29 -7.72 0.97
CA GLY A 273 5.65 -7.34 0.70
C GLY A 273 5.86 -6.93 -0.73
N ASP A 274 5.27 -7.69 -1.65
CA ASP A 274 5.23 -7.40 -3.10
C ASP A 274 4.64 -6.01 -3.37
N VAL A 275 3.46 -5.76 -2.80
CA VAL A 275 2.76 -4.55 -3.02
C VAL A 275 3.44 -3.37 -2.34
N GLN A 276 3.74 -3.48 -1.04
CA GLN A 276 4.21 -2.31 -0.32
C GLN A 276 5.64 -1.92 -0.68
N SER A 277 6.46 -2.86 -1.13
CA SER A 277 7.84 -2.59 -1.54
C SER A 277 7.94 -1.72 -2.76
N ASP A 278 7.05 -1.91 -3.70
CA ASP A 278 6.97 -0.99 -4.83
C ASP A 278 6.61 0.41 -4.36
N SER A 279 5.60 0.54 -3.52
CA SER A 279 5.23 1.82 -2.99
C SER A 279 6.42 2.54 -2.30
N LEU A 280 7.06 1.86 -1.35
CA LEU A 280 8.24 2.40 -0.62
C LEU A 280 9.42 2.75 -1.52
N ALA A 281 9.73 1.89 -2.48
CA ALA A 281 10.80 2.15 -3.46
C ALA A 281 10.60 3.50 -4.13
N GLN A 282 9.38 3.69 -4.65
CA GLN A 282 9.00 4.91 -5.32
C GLN A 282 9.16 6.09 -4.36
N GLY A 283 8.51 6.01 -3.21
CA GLY A 283 8.64 7.03 -2.16
C GLY A 283 10.03 7.52 -1.80
N PHE A 284 11.00 6.60 -1.76
CA PHE A 284 12.34 6.90 -1.24
C PHE A 284 13.29 7.56 -2.24
N GLY A 285 13.15 7.25 -3.53
CA GLY A 285 13.97 7.87 -4.56
C GLY A 285 14.34 6.88 -5.64
N SER A 286 15.56 7.02 -6.16
CA SER A 286 15.98 6.28 -7.35
C SER A 286 16.23 4.83 -7.01
N LEU A 287 16.13 3.97 -8.01
CA LEU A 287 16.44 2.56 -7.81
C LEU A 287 17.90 2.34 -7.47
N GLY A 288 18.75 3.27 -7.91
CA GLY A 288 20.14 3.32 -7.54
C GLY A 288 20.43 3.74 -6.12
N MET A 289 19.40 3.92 -5.30
CA MET A 289 19.59 4.28 -3.87
C MET A 289 19.01 3.24 -2.91
N MET A 290 19.05 1.97 -3.31
CA MET A 290 18.58 0.88 -2.50
C MET A 290 19.32 -0.46 -2.73
N THR A 291 19.62 -1.15 -1.64
CA THR A 291 20.23 -2.46 -1.64
C THR A 291 19.24 -3.50 -1.17
N SER A 292 19.48 -4.75 -1.59
CA SER A 292 18.72 -5.94 -1.16
C SER A 292 19.63 -6.88 -0.41
N ILE A 293 19.21 -7.32 0.75
CA ILE A 293 20.01 -8.22 1.50
C ILE A 293 19.22 -9.44 1.97
N LEU A 294 19.75 -10.61 1.62
CA LEU A 294 19.17 -11.88 2.00
C LEU A 294 19.89 -12.28 3.25
N MET A 295 19.16 -12.50 4.33
CA MET A 295 19.72 -13.02 5.55
C MET A 295 19.15 -14.41 5.83
N THR A 296 20.01 -15.38 6.13
CA THR A 296 19.57 -16.73 6.50
C THR A 296 18.90 -16.73 7.89
N PRO A 297 18.00 -17.68 8.17
CA PRO A 297 17.32 -17.79 9.48
C PRO A 297 18.19 -17.91 10.74
N ASP A 298 19.38 -18.50 10.64
CA ASP A 298 20.35 -18.47 11.77
C ASP A 298 21.01 -17.11 11.99
N GLY A 299 20.93 -16.21 11.01
CA GLY A 299 21.55 -14.89 11.11
C GLY A 299 23.04 -14.83 10.77
N LYS A 300 23.62 -15.97 10.42
CA LYS A 300 25.05 -16.05 10.15
C LYS A 300 25.41 -15.65 8.73
N THR A 301 24.48 -15.82 7.78
CA THR A 301 24.82 -15.74 6.36
C THR A 301 23.99 -14.70 5.61
N VAL A 302 24.66 -14.04 4.67
CA VAL A 302 24.22 -12.80 4.11
C VAL A 302 24.71 -12.62 2.66
N GLU A 303 23.80 -12.33 1.74
CA GLU A 303 24.13 -11.97 0.37
C GLU A 303 23.55 -10.58 0.11
N VAL A 304 24.38 -9.67 -0.38
CA VAL A 304 23.93 -8.31 -0.55
C VAL A 304 24.20 -7.87 -1.98
N GLU A 305 23.25 -7.12 -2.53
CA GLU A 305 23.28 -6.66 -3.88
C GLU A 305 22.50 -5.37 -3.97
N ALA A 306 22.68 -4.67 -5.08
CA ALA A 306 21.94 -3.47 -5.37
C ALA A 306 20.54 -3.90 -5.73
N ALA A 307 19.55 -3.04 -5.49
CA ALA A 307 18.14 -3.41 -5.75
C ALA A 307 17.68 -3.07 -7.17
N HIS A 308 18.58 -3.19 -8.15
CA HIS A 308 18.26 -3.00 -9.55
C HIS A 308 18.95 -4.06 -10.42
N GLY A 309 18.60 -4.04 -11.71
CA GLY A 309 19.22 -4.91 -12.68
C GLY A 309 20.56 -4.42 -13.23
N THR A 310 20.94 -5.02 -14.33
CA THR A 310 22.17 -4.75 -15.03
C THR A 310 22.14 -3.45 -15.84
N VAL A 311 20.96 -2.83 -15.91
CA VAL A 311 20.70 -1.56 -16.58
C VAL A 311 21.24 -1.59 -18.02
N THR A 312 20.59 -2.46 -18.79
CA THR A 312 20.93 -2.75 -20.18
C THR A 312 20.94 -1.53 -21.09
N ARG A 313 19.97 -0.64 -20.89
CA ARG A 313 19.87 0.59 -21.70
C ARG A 313 21.12 1.44 -21.64
N HIS A 314 21.64 1.62 -20.43
CA HIS A 314 22.87 2.38 -20.24
C HIS A 314 24.06 1.57 -20.73
N TYR A 315 23.96 0.24 -20.78
CA TYR A 315 24.99 -0.59 -21.43
C TYR A 315 25.01 -0.45 -22.97
N ARG A 316 23.85 -0.19 -23.59
CA ARG A 316 23.83 0.05 -25.04
C ARG A 316 24.59 1.32 -25.42
N ASP A 317 24.49 2.36 -24.58
CA ASP A 317 25.26 3.59 -24.77
C ASP A 317 26.76 3.38 -24.50
N TYR A 318 27.10 2.71 -23.39
CA TYR A 318 28.51 2.40 -23.06
C TYR A 318 29.25 1.69 -24.20
N GLN A 319 28.58 0.71 -24.79
CA GLN A 319 29.08 -0.01 -25.96
C GLN A 319 29.29 0.92 -27.17
N LYS A 320 28.35 1.85 -27.39
CA LYS A 320 28.42 2.80 -28.51
C LYS A 320 29.27 4.07 -28.21
N GLY A 321 30.25 3.97 -27.30
CA GLY A 321 31.13 5.10 -26.98
C GLY A 321 30.54 6.31 -26.27
N LYS A 322 29.24 6.30 -25.97
CA LYS A 322 28.60 7.44 -25.30
C LYS A 322 28.93 7.43 -23.81
N GLU A 323 29.12 8.61 -23.24
CA GLU A 323 29.27 8.73 -21.79
C GLU A 323 27.91 8.49 -21.11
N THR A 324 27.98 8.05 -19.86
CA THR A 324 26.84 7.47 -19.17
C THR A 324 26.83 7.86 -17.69
N SER A 325 25.63 8.13 -17.15
CA SER A 325 25.48 8.60 -15.79
C SER A 325 24.63 7.66 -14.92
N THR A 326 24.87 6.36 -15.04
CA THR A 326 24.23 5.38 -14.18
C THR A 326 24.66 5.65 -12.73
N ASN A 327 23.71 5.59 -11.81
CA ASN A 327 24.00 5.85 -10.41
C ASN A 327 24.71 4.65 -9.80
N PRO A 328 25.93 4.85 -9.29
CA PRO A 328 26.64 3.73 -8.75
C PRO A 328 26.44 3.43 -7.26
N VAL A 329 25.73 4.25 -6.50
CA VAL A 329 25.84 4.13 -5.02
C VAL A 329 25.17 2.90 -4.46
N ALA A 330 24.11 2.39 -5.09
CA ALA A 330 23.55 1.10 -4.67
C ALA A 330 24.60 0.00 -4.71
N SER A 331 25.34 -0.05 -5.80
CA SER A 331 26.46 -1.01 -5.95
C SER A 331 27.56 -0.83 -4.89
N ILE A 332 27.91 0.42 -4.60
CA ILE A 332 28.99 0.71 -3.63
C ILE A 332 28.50 0.36 -2.24
N PHE A 333 27.21 0.57 -2.00
CA PHE A 333 26.62 0.27 -0.69
C PHE A 333 26.49 -1.23 -0.47
N ALA A 334 26.21 -1.97 -1.53
CA ALA A 334 26.29 -3.43 -1.49
C ALA A 334 27.66 -3.95 -0.98
N TRP A 335 28.74 -3.27 -1.36
CA TRP A 335 30.11 -3.59 -0.89
C TRP A 335 30.34 -3.23 0.59
N THR A 336 29.83 -2.08 1.01
CA THR A 336 29.95 -1.66 2.41
C THR A 336 29.09 -2.49 3.37
N ARG A 337 27.85 -2.75 2.99
CA ARG A 337 26.94 -3.62 3.76
C ARG A 337 27.42 -5.09 3.84
N ALA A 338 28.08 -5.55 2.76
CA ALA A 338 28.69 -6.88 2.76
C ALA A 338 29.85 -6.88 3.74
N LEU A 339 30.83 -6.02 3.50
CA LEU A 339 32.02 -5.92 4.36
C LEU A 339 31.68 -5.64 5.81
N ALA A 340 30.60 -4.91 6.06
CA ALA A 340 30.13 -4.65 7.42
C ALA A 340 29.72 -5.94 8.13
N HIS A 341 29.06 -6.87 7.43
CA HIS A 341 28.69 -8.16 8.05
C HIS A 341 29.94 -9.01 8.30
N ARG A 342 30.87 -8.96 7.35
CA ARG A 342 32.16 -9.62 7.48
C ARG A 342 32.84 -9.14 8.75
N ALA A 343 33.07 -7.83 8.85
CA ALA A 343 33.66 -7.20 10.04
C ALA A 343 32.93 -7.54 11.33
N ARG A 344 31.60 -7.48 11.30
CA ARG A 344 30.76 -7.79 12.46
C ARG A 344 31.01 -9.21 12.95
N VAL A 345 30.88 -10.18 12.06
CA VAL A 345 31.16 -11.60 12.38
C VAL A 345 32.56 -11.76 12.93
N ASP A 346 33.54 -11.22 12.17
CA ASP A 346 34.98 -11.34 12.47
C ASP A 346 35.45 -10.47 13.65
N ASN A 347 34.61 -9.51 14.06
CA ASN A 347 34.91 -8.63 15.17
C ASN A 347 36.10 -7.68 14.82
N ASN A 348 36.04 -7.17 13.59
CA ASN A 348 37.12 -6.43 12.94
C ASN A 348 36.70 -4.95 12.87
N ASN A 349 36.74 -4.32 14.03
CA ASN A 349 36.23 -2.98 14.19
C ASN A 349 36.92 -2.00 13.24
N THR A 350 38.20 -2.20 12.98
CA THR A 350 38.92 -1.47 11.94
C THR A 350 38.18 -1.46 10.59
N LEU A 351 37.79 -2.64 10.11
CA LEU A 351 37.10 -2.76 8.82
C LEU A 351 35.74 -2.12 8.91
N LEU A 352 35.04 -2.40 10.00
CA LEU A 352 33.78 -1.74 10.25
C LEU A 352 33.94 -0.23 10.06
N GLU A 353 34.94 0.38 10.72
CA GLU A 353 35.18 1.83 10.56
C GLU A 353 35.30 2.26 9.10
N PHE A 354 35.96 1.44 8.27
CA PHE A 354 36.07 1.74 6.87
C PHE A 354 34.71 1.80 6.17
N THR A 355 33.87 0.79 6.40
CA THR A 355 32.54 0.75 5.76
C THR A 355 31.71 1.99 6.14
N GLN A 356 31.63 2.28 7.43
CA GLN A 356 30.98 3.49 7.93
C GLN A 356 31.52 4.74 7.22
N ARG A 357 32.86 4.90 7.23
CA ARG A 357 33.54 6.06 6.58
C ARG A 357 33.09 6.21 5.11
N LEU A 358 33.14 5.12 4.36
CA LEU A 358 32.84 5.13 2.93
C LEU A 358 31.37 5.50 2.71
N GLU A 359 30.48 4.84 3.43
CA GLU A 359 29.07 5.16 3.31
C GLU A 359 28.85 6.63 3.62
N ASP A 360 29.40 7.07 4.74
CA ASP A 360 29.27 8.47 5.18
C ASP A 360 29.75 9.44 4.12
N VAL A 361 30.92 9.16 3.55
CA VAL A 361 31.53 9.98 2.49
C VAL A 361 30.69 10.05 1.23
N ILE A 362 30.07 8.94 0.83
CA ILE A 362 29.14 8.95 -0.29
C ILE A 362 28.00 9.92 0.01
N ILE A 363 27.41 9.82 1.19
CA ILE A 363 26.26 10.65 1.56
C ILE A 363 26.61 12.14 1.53
N ALA A 364 27.78 12.50 2.04
CA ALA A 364 28.26 13.88 1.95
C ALA A 364 28.50 14.35 0.50
N THR A 365 29.00 13.46 -0.36
CA THR A 365 29.34 13.84 -1.74
C THR A 365 28.12 14.41 -2.47
N ILE A 366 27.01 13.71 -2.30
CA ILE A 366 25.74 14.06 -2.91
C ILE A 366 25.20 15.33 -2.27
N GLU A 367 25.26 15.38 -0.95
CA GLU A 367 24.79 16.57 -0.21
C GLU A 367 25.53 17.86 -0.54
N ALA A 368 26.77 17.77 -1.02
CA ALA A 368 27.52 18.93 -1.52
C ALA A 368 27.24 19.25 -2.99
N GLY A 369 26.30 18.54 -3.61
CA GLY A 369 25.83 18.86 -4.96
C GLY A 369 26.43 17.99 -6.04
N ALA A 370 27.33 17.08 -5.67
CA ALA A 370 27.96 16.19 -6.63
C ALA A 370 27.19 14.88 -6.69
N MET A 371 26.53 14.63 -7.82
CA MET A 371 25.64 13.48 -7.97
C MET A 371 25.47 13.07 -9.43
N THR A 372 24.81 11.92 -9.64
CA THR A 372 24.46 11.45 -10.98
C THR A 372 23.13 12.02 -11.46
N GLU A 373 22.84 11.81 -12.75
CA GLU A 373 21.68 12.39 -13.47
C GLU A 373 20.33 12.10 -12.82
N ASP A 374 20.08 10.83 -12.49
CA ASP A 374 18.85 10.40 -11.82
C ASP A 374 18.54 11.22 -10.57
N LEU A 375 19.57 11.55 -9.80
CA LEU A 375 19.40 12.22 -8.52
C LEU A 375 19.22 13.71 -8.71
N ALA A 376 19.89 14.28 -9.71
CA ALA A 376 19.63 15.64 -10.13
C ALA A 376 18.16 15.80 -10.55
N ILE A 377 17.69 14.85 -11.36
CA ILE A 377 16.28 14.75 -11.78
C ILE A 377 15.32 14.82 -10.59
N CYS A 378 15.57 14.02 -9.56
CA CYS A 378 14.72 14.05 -8.38
C CYS A 378 14.66 15.47 -7.79
N ILE A 379 15.82 16.12 -7.62
CA ILE A 379 15.88 17.45 -6.96
C ILE A 379 15.32 18.59 -7.82
N LYS A 380 15.70 18.64 -9.11
CA LYS A 380 15.42 19.80 -9.98
C LYS A 380 14.25 19.62 -10.95
N GLY A 381 13.65 18.43 -11.00
CA GLY A 381 12.60 18.10 -11.98
C GLY A 381 13.15 17.35 -13.18
N GLU A 382 12.26 16.70 -13.93
CA GLU A 382 12.62 15.93 -15.14
C GLU A 382 13.26 16.82 -16.20
N LYS A 383 12.77 18.06 -16.36
CA LYS A 383 13.52 19.12 -17.06
C LYS A 383 14.22 20.00 -16.01
N ASN A 384 14.58 21.25 -16.33
CA ASN A 384 15.65 21.99 -15.63
C ASN A 384 16.97 21.24 -15.37
N VAL A 385 17.24 20.16 -16.12
CA VAL A 385 18.43 19.32 -15.92
C VAL A 385 19.31 19.38 -17.16
N VAL A 386 20.42 20.09 -17.05
CA VAL A 386 21.39 20.18 -18.13
C VAL A 386 22.61 19.33 -17.76
N ARG A 387 23.50 19.12 -18.72
CA ARG A 387 24.67 18.26 -18.51
C ARG A 387 25.55 18.74 -17.37
N ALA A 388 25.64 20.06 -17.20
CA ALA A 388 26.40 20.68 -16.11
C ALA A 388 25.85 20.38 -14.72
N ASP A 389 24.53 20.23 -14.59
CA ASP A 389 23.88 19.85 -13.32
C ASP A 389 24.39 18.51 -12.70
N TYR A 390 24.77 17.55 -13.54
CA TYR A 390 25.21 16.24 -13.04
C TYR A 390 26.62 15.84 -13.45
N LEU A 391 27.09 14.78 -12.80
CA LEU A 391 28.33 14.10 -13.15
C LEU A 391 28.00 12.77 -13.83
N ASN A 392 28.94 12.26 -14.63
CA ASN A 392 28.85 10.91 -15.17
C ASN A 392 29.33 9.89 -14.12
N THR A 393 29.01 8.62 -14.35
CA THR A 393 29.26 7.53 -13.40
C THR A 393 30.65 7.62 -12.76
N ASP A 394 31.67 7.64 -13.60
CA ASP A 394 33.08 7.46 -13.18
C ASP A 394 33.66 8.71 -12.51
N GLU A 395 33.36 9.89 -13.06
CA GLU A 395 33.78 11.13 -12.42
C GLU A 395 33.00 11.41 -11.14
N PHE A 396 31.80 10.82 -11.02
CA PHE A 396 31.13 10.73 -9.71
C PHE A 396 31.92 9.82 -8.79
N ILE A 397 32.28 8.61 -9.25
CA ILE A 397 33.05 7.69 -8.40
C ILE A 397 34.38 8.33 -8.00
N ASP A 398 34.97 9.11 -8.92
CA ASP A 398 36.23 9.81 -8.63
C ASP A 398 35.99 10.92 -7.59
N ALA A 399 34.89 11.66 -7.74
CA ALA A 399 34.52 12.70 -6.76
C ALA A 399 34.42 12.16 -5.33
N VAL A 400 33.94 10.92 -5.20
CA VAL A 400 33.90 10.25 -3.87
C VAL A 400 35.24 9.59 -3.53
N SER A 401 36.01 9.18 -4.53
CA SER A 401 37.39 8.73 -4.27
C SER A 401 38.20 9.82 -3.61
N GLN A 402 38.11 11.02 -4.18
CA GLN A 402 38.79 12.23 -3.68
C GLN A 402 38.36 12.54 -2.24
N ARG A 403 37.06 12.43 -1.98
CA ARG A 403 36.48 12.69 -0.65
C ARG A 403 36.72 11.54 0.34
N LEU A 404 36.88 10.33 -0.17
CA LEU A 404 37.28 9.19 0.64
C LEU A 404 38.71 9.35 1.12
N LYS A 405 39.59 9.72 0.19
CA LYS A 405 40.99 10.06 0.49
C LYS A 405 41.11 11.00 1.70
N VAL A 406 40.60 12.20 1.57
CA VAL A 406 40.71 13.12 2.66
C VAL A 406 40.35 12.43 3.98
N ALA A 407 39.17 11.86 4.04
CA ALA A 407 38.71 11.19 5.21
C ALA A 407 39.47 9.96 5.58
N MET A 408 39.88 9.21 4.58
CA MET A 408 40.57 7.97 4.86
C MET A 408 41.87 8.17 5.60
N GLN A 409 42.66 9.18 5.26
CA GLN A 409 43.89 9.38 5.98
C GLN A 409 43.46 9.78 7.38
N LYS A 410 43.95 9.13 8.42
CA LYS A 410 43.56 9.53 9.76
C LYS A 410 44.50 8.91 10.75
N SER A 411 44.76 9.60 11.85
CA SER A 411 45.66 9.07 12.85
C SER A 411 47.01 8.68 12.24
N LYS A 412 47.62 9.56 11.43
CA LYS A 412 48.90 9.21 10.80
C LYS A 412 50.05 9.36 11.77
N VAL A 413 50.70 8.22 11.96
CA VAL A 413 51.82 8.01 12.87
C VAL A 413 53.21 8.47 12.41
N SER B 1 -35.44 36.39 -7.93
CA SER B 1 -34.36 35.97 -6.97
C SER B 1 -34.90 35.82 -5.54
N ASN B 2 -34.98 34.57 -5.06
CA ASN B 2 -35.24 34.28 -3.65
C ASN B 2 -34.64 32.93 -3.18
N LYS B 3 -34.93 31.84 -3.89
CA LYS B 3 -34.41 30.54 -3.57
C LYS B 3 -34.26 29.69 -4.80
N ILE B 4 -33.81 28.47 -4.57
CA ILE B 4 -33.55 27.51 -5.62
C ILE B 4 -34.32 26.26 -5.26
N SER B 5 -34.99 25.68 -6.25
CA SER B 5 -35.80 24.50 -5.99
C SER B 5 -35.56 23.35 -6.92
N ALA B 6 -36.01 22.17 -6.54
CA ALA B 6 -35.84 21.01 -7.39
C ALA B 6 -36.95 20.02 -7.26
N THR B 7 -37.34 19.47 -8.40
CA THR B 7 -38.40 18.49 -8.47
C THR B 7 -38.12 17.15 -7.81
N GLY B 8 -36.90 16.65 -7.95
CA GLY B 8 -36.53 15.38 -7.39
C GLY B 8 -36.45 15.43 -5.91
N VAL B 9 -36.43 14.28 -5.25
CA VAL B 9 -36.34 14.19 -3.78
C VAL B 9 -34.96 13.69 -3.21
N LEU B 10 -34.64 14.16 -2.01
CA LEU B 10 -33.41 13.84 -1.29
C LEU B 10 -33.78 13.11 -0.01
N VAL B 11 -33.27 11.90 0.19
CA VAL B 11 -33.51 11.16 1.43
C VAL B 11 -32.44 11.66 2.41
N GLU B 12 -32.76 11.67 3.69
CA GLU B 12 -31.84 12.17 4.71
C GLU B 12 -31.84 11.21 5.87
N LEU B 13 -30.66 10.73 6.24
CA LEU B 13 -30.51 9.89 7.41
C LEU B 13 -29.73 10.73 8.43
N ASP B 14 -30.25 10.85 9.66
CA ASP B 14 -29.80 11.88 10.62
C ASP B 14 -28.76 11.48 11.66
N GLY B 15 -28.68 10.21 12.06
CA GLY B 15 -27.55 9.75 12.93
C GLY B 15 -27.54 10.14 14.43
N ASP B 16 -26.36 10.20 15.05
CA ASP B 16 -26.26 10.42 16.51
C ASP B 16 -24.91 11.03 16.97
N GLU B 17 -24.85 11.37 18.27
CA GLU B 17 -23.70 12.03 18.96
C GLU B 17 -23.27 13.36 18.28
N MET B 18 -21.96 13.58 18.07
CA MET B 18 -21.44 14.90 17.69
C MET B 18 -21.80 15.29 16.28
N THR B 19 -21.68 14.32 15.37
CA THR B 19 -22.12 14.48 13.98
C THR B 19 -23.59 14.87 13.92
N ARG B 20 -24.43 14.32 14.81
CA ARG B 20 -25.86 14.70 14.80
C ARG B 20 -26.04 16.19 15.13
N VAL B 21 -25.21 16.70 16.05
CA VAL B 21 -25.21 18.13 16.41
C VAL B 21 -24.84 18.97 15.18
N ILE B 22 -23.77 18.57 14.51
CA ILE B 22 -23.21 19.33 13.44
C ILE B 22 -24.20 19.30 12.29
N TRP B 23 -24.69 18.09 12.00
CA TRP B 23 -25.71 17.84 10.97
C TRP B 23 -26.84 18.85 11.01
N LYS B 24 -27.47 18.97 12.19
CA LYS B 24 -28.52 19.99 12.47
C LYS B 24 -28.05 21.40 12.09
N LYS B 25 -26.85 21.76 12.54
CA LYS B 25 -26.29 23.11 12.37
C LYS B 25 -25.98 23.48 10.94
N ILE B 26 -25.58 22.53 10.10
CA ILE B 26 -25.18 22.89 8.73
C ILE B 26 -26.42 22.93 7.83
N LYS B 27 -27.43 22.10 8.12
CA LYS B 27 -28.76 22.26 7.50
C LYS B 27 -29.35 23.69 7.69
N GLU B 28 -29.60 24.05 8.95
CA GLU B 28 -30.17 25.37 9.32
C GLU B 28 -29.35 26.54 8.77
N THR B 29 -28.02 26.39 8.70
CA THR B 29 -27.12 27.49 8.33
C THR B 29 -26.70 27.54 6.85
N LEU B 30 -26.31 26.40 6.26
CA LEU B 30 -25.67 26.39 4.93
C LEU B 30 -26.53 25.93 3.76
N ILE B 31 -27.45 24.99 3.94
CA ILE B 31 -28.25 24.48 2.83
C ILE B 31 -29.72 25.02 2.75
N PHE B 32 -30.49 24.98 3.85
CA PHE B 32 -31.91 25.43 3.80
C PHE B 32 -32.13 26.91 3.48
N PRO B 33 -31.23 27.80 3.94
CA PRO B 33 -31.40 29.22 3.58
C PRO B 33 -31.36 29.55 2.07
N PHE B 34 -30.83 28.63 1.26
CA PHE B 34 -30.73 28.81 -0.18
C PHE B 34 -31.48 27.78 -1.03
N VAL B 35 -32.04 26.71 -0.43
CA VAL B 35 -32.60 25.55 -1.16
C VAL B 35 -33.97 25.06 -0.69
N ASN B 36 -34.96 25.07 -1.58
CA ASN B 36 -36.21 24.31 -1.38
C ASN B 36 -36.00 22.92 -1.96
N VAL B 37 -35.86 21.89 -1.12
CA VAL B 37 -35.81 20.52 -1.67
C VAL B 37 -36.80 19.57 -1.05
N PRO B 38 -37.51 18.81 -1.90
CA PRO B 38 -38.24 17.70 -1.36
C PRO B 38 -37.25 16.78 -0.65
N ILE B 39 -37.60 16.34 0.54
CA ILE B 39 -36.67 15.67 1.41
C ILE B 39 -37.40 14.73 2.38
N GLU B 40 -37.24 13.42 2.19
CA GLU B 40 -37.91 12.42 3.05
C GLU B 40 -36.94 12.05 4.18
N TYR B 41 -37.40 12.13 5.44
CA TYR B 41 -36.53 11.98 6.63
C TYR B 41 -36.59 10.57 7.23
N TYR B 42 -35.44 10.06 7.66
CA TYR B 42 -35.33 8.81 8.40
C TYR B 42 -34.39 9.05 9.57
N ASP B 43 -34.78 8.67 10.79
CA ASP B 43 -33.92 8.91 11.95
C ASP B 43 -33.17 7.65 12.30
N LEU B 44 -31.84 7.72 12.20
CA LEU B 44 -30.96 6.61 12.53
C LEU B 44 -30.16 6.84 13.84
N SER B 45 -30.73 7.63 14.76
CA SER B 45 -30.22 7.73 16.14
C SER B 45 -30.27 6.35 16.76
N MET B 46 -29.25 6.00 17.57
CA MET B 46 -29.14 4.63 18.14
C MET B 46 -30.42 4.18 18.87
N GLU B 47 -31.08 5.14 19.54
CA GLU B 47 -32.33 4.87 20.25
C GLU B 47 -33.44 4.58 19.25
N ASN B 48 -33.63 5.46 18.25
CA ASN B 48 -34.69 5.25 17.26
C ASN B 48 -34.60 3.93 16.49
N ARG B 49 -33.38 3.45 16.25
CA ARG B 49 -33.16 2.11 15.69
C ARG B 49 -33.56 0.98 16.66
N ASP B 50 -33.03 1.00 17.88
CA ASP B 50 -33.40 0.05 18.96
C ASP B 50 -34.91 -0.01 19.12
N LYS B 51 -35.52 1.19 19.24
CA LYS B 51 -36.97 1.37 19.32
C LYS B 51 -37.70 0.68 18.17
N THR B 52 -37.24 0.96 16.96
CA THR B 52 -37.88 0.47 15.75
C THR B 52 -37.27 -0.84 15.18
N GLU B 53 -36.53 -1.60 16.00
CA GLU B 53 -36.03 -2.94 15.62
C GLU B 53 -35.02 -2.94 14.44
N ASP B 54 -34.43 -1.77 14.17
CA ASP B 54 -33.58 -1.51 13.00
C ASP B 54 -34.35 -1.42 11.66
N ARG B 55 -35.68 -1.29 11.72
CA ARG B 55 -36.49 -1.20 10.50
C ARG B 55 -36.34 0.15 9.76
N VAL B 56 -36.04 1.23 10.49
CA VAL B 56 -35.88 2.57 9.89
C VAL B 56 -34.63 2.60 9.01
N THR B 57 -33.60 1.85 9.43
CA THR B 57 -32.42 1.65 8.59
C THR B 57 -32.76 0.90 7.27
N VAL B 58 -33.57 -0.16 7.36
CA VAL B 58 -33.99 -0.85 6.13
C VAL B 58 -34.99 0.03 5.35
N GLU B 59 -35.82 0.85 6.01
CA GLU B 59 -36.70 1.79 5.29
C GLU B 59 -35.92 2.94 4.58
N ALA B 60 -34.91 3.48 5.27
CA ALA B 60 -34.05 4.52 4.72
C ALA B 60 -33.31 4.03 3.48
N ALA B 61 -32.65 2.87 3.59
CA ALA B 61 -32.03 2.19 2.45
C ALA B 61 -32.95 1.96 1.24
N TYR B 62 -34.18 1.47 1.46
CA TYR B 62 -35.16 1.34 0.35
C TYR B 62 -35.68 2.68 -0.18
N ALA B 63 -35.84 3.70 0.68
CA ALA B 63 -36.26 5.02 0.18
C ALA B 63 -35.20 5.67 -0.77
N ILE B 64 -33.92 5.51 -0.44
CA ILE B 64 -32.81 5.96 -1.32
C ILE B 64 -32.82 5.19 -2.62
N LYS B 65 -33.06 3.89 -2.57
CA LYS B 65 -33.20 3.12 -3.79
C LYS B 65 -34.31 3.74 -4.65
N LYS B 66 -35.45 4.09 -4.03
CA LYS B 66 -36.59 4.69 -4.77
C LYS B 66 -36.27 6.07 -5.35
N HIS B 67 -35.70 6.95 -4.54
CA HIS B 67 -35.57 8.37 -4.91
C HIS B 67 -34.28 8.74 -5.61
N GLY B 68 -33.24 7.94 -5.43
CA GLY B 68 -31.97 8.10 -6.11
C GLY B 68 -30.85 8.80 -5.36
N VAL B 69 -31.17 9.52 -4.28
CA VAL B 69 -30.15 10.27 -3.53
C VAL B 69 -30.39 10.26 -2.05
N GLY B 70 -29.39 9.83 -1.27
CA GLY B 70 -29.36 9.97 0.19
C GLY B 70 -28.11 10.65 0.72
N VAL B 71 -28.30 11.48 1.75
CA VAL B 71 -27.23 12.01 2.61
C VAL B 71 -27.36 11.33 3.95
N LYS B 72 -26.26 10.81 4.49
CA LYS B 72 -26.24 10.08 5.76
C LYS B 72 -25.25 10.70 6.73
N CYS B 73 -25.67 10.83 7.99
CA CYS B 73 -24.85 11.25 9.10
C CYS B 73 -24.28 10.03 9.77
N ALA B 74 -23.16 10.18 10.47
CA ALA B 74 -22.52 9.03 11.09
C ALA B 74 -23.37 8.48 12.24
N THR B 75 -23.28 7.17 12.41
CA THR B 75 -24.13 6.42 13.33
C THR B 75 -23.28 5.54 14.25
N ILE B 76 -23.73 5.37 15.49
CA ILE B 76 -23.07 4.47 16.41
C ILE B 76 -23.31 3.06 15.93
N THR B 77 -22.28 2.23 16.01
CA THR B 77 -22.41 0.80 15.79
C THR B 77 -22.56 0.06 17.14
N PRO B 78 -23.35 -1.04 17.18
CA PRO B 78 -23.46 -1.77 18.46
C PRO B 78 -22.27 -2.66 18.84
N ASP B 79 -21.72 -2.39 20.04
CA ASP B 79 -20.87 -3.30 20.82
C ASP B 79 -21.57 -3.64 22.16
N GLU B 80 -20.91 -4.49 22.97
N GLU B 80 -20.93 -4.48 22.98
CA GLU B 80 -21.37 -4.81 24.33
CA GLU B 80 -21.45 -4.81 24.32
C GLU B 80 -21.43 -3.58 25.24
C GLU B 80 -21.40 -3.60 25.28
N ALA B 81 -20.52 -2.63 25.01
CA ALA B 81 -20.48 -1.37 25.76
C ALA B 81 -21.70 -0.51 25.43
N ARG B 82 -21.99 -0.42 24.14
CA ARG B 82 -23.04 0.48 23.62
C ARG B 82 -24.46 0.07 24.04
N VAL B 83 -24.70 -1.23 24.20
CA VAL B 83 -26.02 -1.74 24.66
C VAL B 83 -26.44 -1.10 25.99
N LYS B 84 -25.46 -0.93 26.89
CA LYS B 84 -25.70 -0.43 28.24
C LYS B 84 -25.89 1.09 28.31
N GLU B 85 -25.28 1.82 27.37
CA GLU B 85 -25.30 3.29 27.40
C GLU B 85 -26.70 3.83 27.10
N PHE B 86 -27.26 3.26 26.06
CA PHE B 86 -28.57 3.54 25.60
C PHE B 86 -29.17 2.27 26.12
N ASN B 87 -30.35 1.94 25.63
CA ASN B 87 -30.96 0.75 26.12
C ASN B 87 -30.76 -0.55 25.33
N LEU B 88 -30.41 -1.56 26.11
CA LEU B 88 -30.11 -2.89 25.64
C LEU B 88 -31.27 -3.43 24.87
N LYS B 89 -30.99 -3.99 23.71
CA LYS B 89 -32.03 -4.54 22.88
C LYS B 89 -31.51 -5.86 22.33
N LYS B 90 -30.55 -5.73 21.43
CA LYS B 90 -29.89 -6.85 20.77
C LYS B 90 -28.65 -6.23 20.19
N MET B 91 -27.76 -7.07 19.70
CA MET B 91 -26.52 -6.63 19.08
C MET B 91 -26.77 -6.30 17.59
N TRP B 92 -27.46 -5.18 17.32
CA TRP B 92 -27.86 -4.76 15.95
C TRP B 92 -26.74 -4.54 14.92
N ARG B 93 -26.96 -5.00 13.70
CA ARG B 93 -25.93 -4.84 12.66
C ARG B 93 -25.73 -3.35 12.39
N SER B 94 -24.54 -3.00 11.91
N SER B 94 -24.54 -2.99 11.91
CA SER B 94 -24.18 -1.62 11.54
CA SER B 94 -24.20 -1.60 11.59
C SER B 94 -25.12 -1.12 10.44
C SER B 94 -25.10 -1.12 10.45
N PRO B 95 -25.61 0.14 10.53
CA PRO B 95 -26.48 0.68 9.46
C PRO B 95 -25.85 0.71 8.05
N ASN B 96 -24.57 1.06 8.00
CA ASN B 96 -23.87 1.16 6.74
C ASN B 96 -23.89 -0.13 5.95
N GLY B 97 -23.63 -1.24 6.62
CA GLY B 97 -23.57 -2.55 5.99
C GLY B 97 -24.93 -3.02 5.54
N THR B 98 -25.97 -2.61 6.28
CA THR B 98 -27.35 -2.95 5.89
C THR B 98 -27.79 -2.12 4.67
N ILE B 99 -27.60 -0.81 4.75
CA ILE B 99 -27.80 0.06 3.60
C ILE B 99 -26.96 -0.41 2.40
N ARG B 100 -25.68 -0.70 2.61
CA ARG B 100 -24.82 -1.18 1.52
C ARG B 100 -25.32 -2.50 0.89
N THR B 101 -25.81 -3.42 1.71
CA THR B 101 -26.40 -4.68 1.23
C THR B 101 -27.66 -4.41 0.42
N ILE B 102 -28.54 -3.58 0.95
CA ILE B 102 -29.77 -3.25 0.25
C ILE B 102 -29.47 -2.57 -1.10
N LEU B 103 -28.61 -1.55 -1.09
CA LEU B 103 -28.40 -0.76 -2.29
C LEU B 103 -27.60 -1.47 -3.37
N GLY B 104 -26.63 -2.28 -2.97
CA GLY B 104 -25.62 -2.76 -3.89
C GLY B 104 -24.68 -1.60 -4.12
N GLY B 105 -23.76 -1.78 -5.05
CA GLY B 105 -22.85 -0.73 -5.39
C GLY B 105 -21.61 -0.71 -4.54
N THR B 106 -20.83 0.32 -4.76
CA THR B 106 -19.51 0.41 -4.30
C THR B 106 -19.30 1.76 -3.68
N VAL B 107 -18.54 1.80 -2.59
CA VAL B 107 -18.22 3.07 -1.95
C VAL B 107 -16.94 3.61 -2.57
N PHE B 108 -16.96 4.92 -2.82
CA PHE B 108 -15.86 5.69 -3.39
C PHE B 108 -15.52 6.79 -2.44
N ARG B 109 -14.25 6.92 -2.06
CA ARG B 109 -13.84 7.95 -1.08
C ARG B 109 -13.11 9.14 -1.72
N GLU B 110 -13.60 10.35 -1.47
CA GLU B 110 -13.12 11.57 -2.13
C GLU B 110 -12.54 12.58 -1.15
N PRO B 111 -11.20 12.79 -1.20
CA PRO B 111 -10.58 13.82 -0.35
C PRO B 111 -10.82 15.22 -0.87
N ILE B 112 -10.78 16.18 0.04
CA ILE B 112 -10.98 17.58 -0.28
C ILE B 112 -9.65 18.25 -0.07
N ILE B 113 -9.09 18.85 -1.12
CA ILE B 113 -7.76 19.44 -1.08
C ILE B 113 -7.80 20.98 -1.00
N CYS B 114 -6.82 21.55 -0.32
CA CYS B 114 -6.55 22.99 -0.40
C CYS B 114 -5.06 23.18 -0.55
N SER B 115 -4.66 24.19 -1.33
CA SER B 115 -3.24 24.51 -1.55
C SER B 115 -2.41 24.73 -0.28
N ASN B 116 -3.02 25.33 0.74
CA ASN B 116 -2.33 25.68 2.00
C ASN B 116 -2.32 24.54 3.03
N VAL B 117 -3.05 23.45 2.76
CA VAL B 117 -2.98 22.27 3.66
C VAL B 117 -2.22 21.17 2.95
N PRO B 118 -0.94 20.98 3.31
CA PRO B 118 -0.15 20.06 2.48
C PRO B 118 -0.46 18.60 2.76
N ARG B 119 -0.32 17.80 1.70
CA ARG B 119 -0.43 16.36 1.80
C ARG B 119 0.92 15.83 2.25
N LEU B 120 0.94 14.61 2.75
CA LEU B 120 2.19 13.94 3.07
C LEU B 120 2.92 13.53 1.79
N VAL B 121 2.23 13.30 0.68
CA VAL B 121 2.92 12.99 -0.58
C VAL B 121 3.07 14.23 -1.46
N THR B 122 4.31 14.63 -1.75
CA THR B 122 4.53 15.92 -2.42
C THR B 122 3.82 16.06 -3.77
N THR B 123 3.63 14.94 -4.47
CA THR B 123 3.13 14.92 -5.85
C THR B 123 1.63 15.10 -6.00
N TRP B 124 0.88 14.84 -4.94
CA TRP B 124 -0.59 14.84 -5.04
C TRP B 124 -1.15 16.22 -5.15
N LYS B 125 -1.70 16.51 -6.32
CA LYS B 125 -2.39 17.77 -6.63
C LYS B 125 -3.87 17.60 -6.87
N LYS B 126 -4.30 16.38 -7.15
CA LYS B 126 -5.67 16.09 -7.46
C LYS B 126 -6.12 14.90 -6.63
N PRO B 127 -7.45 14.72 -6.49
CA PRO B 127 -7.95 13.59 -5.69
C PRO B 127 -7.74 12.26 -6.38
N VAL B 128 -7.45 11.25 -5.59
CA VAL B 128 -7.33 9.87 -6.08
C VAL B 128 -8.42 9.16 -5.37
N VAL B 129 -9.38 8.63 -6.10
CA VAL B 129 -10.65 8.14 -5.52
C VAL B 129 -10.61 6.65 -5.57
N ILE B 130 -10.57 6.04 -4.39
CA ILE B 130 -10.58 4.61 -4.31
C ILE B 130 -11.99 4.12 -4.17
N GLY B 131 -12.33 3.19 -5.06
CA GLY B 131 -13.57 2.46 -5.03
C GLY B 131 -13.22 1.03 -4.71
N ARG B 132 -13.83 0.50 -3.66
CA ARG B 132 -13.44 -0.77 -3.08
C ARG B 132 -14.49 -1.85 -3.39
N HIS B 133 -14.08 -3.02 -3.87
CA HIS B 133 -15.09 -4.04 -4.20
C HIS B 133 -15.99 -4.46 -2.99
N ALA B 134 -15.47 -4.90 -1.89
CA ALA B 134 -16.36 -5.05 -0.68
C ALA B 134 -17.34 -6.24 -0.68
N PHE B 135 -16.95 -7.29 -1.37
CA PHE B 135 -17.62 -8.57 -1.29
C PHE B 135 -16.56 -9.59 -1.60
N GLY B 136 -16.51 -10.63 -0.80
CA GLY B 136 -15.79 -11.82 -1.18
C GLY B 136 -14.32 -11.73 -0.91
N ASP B 137 -13.55 -12.54 -1.65
CA ASP B 137 -12.11 -12.68 -1.43
C ASP B 137 -11.84 -13.05 0.03
N GLN B 138 -10.97 -12.33 0.74
CA GLN B 138 -10.60 -12.70 2.11
C GLN B 138 -11.69 -12.46 3.17
N TYR B 139 -12.70 -11.67 2.85
CA TYR B 139 -13.65 -11.25 3.85
C TYR B 139 -14.88 -12.15 3.96
N SER B 140 -14.95 -13.18 3.12
CA SER B 140 -15.89 -14.27 3.30
C SER B 140 -15.21 -15.62 3.11
N ALA B 141 -13.92 -15.69 3.36
CA ALA B 141 -13.17 -16.91 3.14
C ALA B 141 -13.33 -17.91 4.29
N THR B 142 -12.79 -19.09 4.06
CA THR B 142 -12.72 -20.14 5.07
C THR B 142 -11.26 -20.54 5.24
N ASP B 143 -10.77 -20.40 6.47
CA ASP B 143 -9.38 -20.67 6.79
C ASP B 143 -9.33 -21.51 8.04
N ALA B 144 -8.24 -22.27 8.16
CA ALA B 144 -8.02 -23.19 9.29
C ALA B 144 -6.52 -23.44 9.50
N VAL B 145 -6.17 -24.02 10.65
CA VAL B 145 -4.78 -24.42 10.96
C VAL B 145 -4.58 -25.94 10.75
N VAL B 146 -3.52 -26.31 10.04
CA VAL B 146 -3.10 -27.73 9.89
C VAL B 146 -2.09 -28.08 10.99
N LYS B 147 -2.41 -29.11 11.78
CA LYS B 147 -1.58 -29.64 12.89
C LYS B 147 -1.03 -31.05 12.66
N GLU B 148 -1.76 -31.90 11.96
CA GLU B 148 -1.28 -33.21 11.51
C GLU B 148 -0.66 -33.12 10.13
N PRO B 149 0.12 -34.13 9.74
CA PRO B 149 0.38 -34.39 8.33
C PRO B 149 -0.88 -34.78 7.55
N GLY B 150 -0.83 -34.59 6.23
CA GLY B 150 -1.99 -34.80 5.37
C GLY B 150 -2.12 -33.79 4.23
N THR B 151 -3.26 -33.89 3.55
CA THR B 151 -3.43 -33.31 2.22
C THR B 151 -4.54 -32.25 2.19
N PHE B 152 -4.21 -31.03 1.70
CA PHE B 152 -5.18 -29.97 1.35
C PHE B 152 -5.68 -30.19 -0.08
N GLU B 153 -7.00 -30.34 -0.20
CA GLU B 153 -7.64 -30.66 -1.46
C GLU B 153 -8.99 -29.93 -1.62
N MET B 154 -9.07 -29.28 -2.85
CA MET B 154 -10.24 -28.48 -3.21
C MET B 154 -11.07 -29.34 -4.13
N ARG B 155 -12.39 -29.27 -3.99
CA ARG B 155 -13.28 -29.92 -4.94
C ARG B 155 -14.39 -28.96 -5.36
N PHE B 156 -14.67 -28.92 -6.67
CA PHE B 156 -15.85 -28.29 -7.24
C PHE B 156 -16.82 -29.40 -7.58
N ILE B 157 -18.08 -29.22 -7.18
CA ILE B 157 -19.09 -30.25 -7.26
C ILE B 157 -20.32 -29.72 -8.01
N PRO B 158 -20.42 -30.03 -9.31
CA PRO B 158 -21.55 -29.50 -10.10
C PRO B 158 -22.92 -29.82 -9.48
N ALA B 159 -23.80 -28.83 -9.38
CA ALA B 159 -25.13 -28.98 -8.77
C ALA B 159 -26.03 -30.02 -9.48
N ASN B 160 -25.83 -30.19 -10.79
CA ASN B 160 -26.57 -31.18 -11.59
C ASN B 160 -26.28 -32.65 -11.25
N GLY B 161 -25.20 -32.93 -10.53
CA GLY B 161 -24.74 -34.31 -10.29
C GLY B 161 -23.58 -34.71 -11.20
N GLY B 162 -23.05 -33.75 -11.96
CA GLY B 162 -21.89 -33.98 -12.83
C GLY B 162 -20.57 -34.32 -12.12
N GLU B 163 -19.57 -34.60 -12.95
CA GLU B 163 -18.22 -35.01 -12.52
C GLU B 163 -17.52 -33.90 -11.76
N PRO B 164 -17.12 -34.14 -10.47
CA PRO B 164 -16.46 -33.09 -9.69
C PRO B 164 -14.98 -32.89 -10.02
N LYS B 165 -14.52 -31.64 -10.00
CA LYS B 165 -13.09 -31.36 -10.19
C LYS B 165 -12.38 -31.47 -8.86
N VAL B 166 -11.18 -32.07 -8.87
CA VAL B 166 -10.39 -32.26 -7.66
C VAL B 166 -9.02 -31.65 -7.89
N TYR B 167 -8.72 -30.64 -7.09
CA TYR B 167 -7.43 -29.99 -7.07
C TYR B 167 -6.70 -30.47 -5.80
N LYS B 168 -5.39 -30.47 -5.91
CA LYS B 168 -4.50 -31.17 -4.99
C LYS B 168 -3.58 -30.04 -4.58
N VAL B 169 -3.89 -29.39 -3.46
CA VAL B 169 -3.25 -28.12 -3.15
C VAL B 169 -1.87 -28.29 -2.53
N PHE B 170 -1.77 -29.16 -1.51
CA PHE B 170 -0.51 -29.34 -0.74
C PHE B 170 -0.53 -30.54 0.23
N ASP B 171 0.61 -31.25 0.33
CA ASP B 171 0.79 -32.28 1.36
C ASP B 171 1.65 -31.68 2.47
N TYR B 172 1.02 -31.46 3.63
CA TYR B 172 1.68 -30.91 4.79
C TYR B 172 2.46 -32.04 5.44
N LYS B 173 3.70 -31.75 5.85
CA LYS B 173 4.54 -32.71 6.59
C LYS B 173 4.64 -32.31 8.06
N SER B 174 4.88 -31.03 8.28
CA SER B 174 4.70 -30.39 9.57
C SER B 174 3.48 -29.51 9.41
N GLY B 175 3.09 -28.84 10.49
CA GLY B 175 1.90 -28.02 10.46
C GLY B 175 1.98 -26.86 9.50
N GLY B 176 0.90 -26.11 9.42
CA GLY B 176 0.81 -25.00 8.50
C GLY B 176 -0.60 -24.46 8.50
N VAL B 177 -1.02 -23.98 7.34
CA VAL B 177 -2.18 -23.13 7.30
C VAL B 177 -2.91 -23.26 5.95
N MET B 178 -4.24 -23.23 5.99
CA MET B 178 -5.02 -23.39 4.76
C MET B 178 -6.14 -22.38 4.65
N MET B 179 -6.40 -21.98 3.41
CA MET B 179 -7.43 -21.02 3.13
C MET B 179 -8.11 -21.27 1.76
N GLY B 180 -9.43 -21.17 1.74
CA GLY B 180 -10.19 -21.16 0.49
C GLY B 180 -11.01 -19.87 0.37
N MET B 181 -11.05 -19.31 -0.83
CA MET B 181 -11.84 -18.08 -1.04
C MET B 181 -12.52 -18.03 -2.38
N TYR B 182 -13.58 -17.25 -2.42
CA TYR B 182 -14.41 -17.13 -3.62
C TYR B 182 -14.74 -15.68 -4.00
N ASN B 183 -15.08 -15.50 -5.25
CA ASN B 183 -15.90 -14.38 -5.65
C ASN B 183 -16.84 -14.89 -6.71
N THR B 184 -17.78 -14.02 -7.08
CA THR B 184 -18.83 -14.34 -8.07
C THR B 184 -18.79 -13.38 -9.24
N ASP B 185 -19.20 -13.87 -10.42
CA ASP B 185 -19.23 -13.06 -11.64
C ASP B 185 -20.22 -11.89 -11.54
N ASP B 186 -21.33 -12.15 -10.88
CA ASP B 186 -22.32 -11.11 -10.60
C ASP B 186 -21.78 -9.96 -9.79
N SER B 187 -21.07 -10.27 -8.72
CA SER B 187 -20.54 -9.21 -7.87
C SER B 187 -19.44 -8.42 -8.60
N ILE B 188 -18.51 -9.12 -9.25
CA ILE B 188 -17.43 -8.47 -9.99
C ILE B 188 -18.01 -7.57 -11.08
N ARG B 189 -19.04 -8.05 -11.77
CA ARG B 189 -19.72 -7.27 -12.81
C ARG B 189 -20.39 -6.03 -12.23
N ASP B 190 -21.08 -6.14 -11.11
CA ASP B 190 -21.72 -4.95 -10.51
C ASP B 190 -20.72 -3.92 -9.99
N PHE B 191 -19.61 -4.41 -9.50
CA PHE B 191 -18.52 -3.59 -9.10
C PHE B 191 -17.97 -2.84 -10.32
N ALA B 192 -17.80 -3.57 -11.43
CA ALA B 192 -17.29 -2.97 -12.66
C ALA B 192 -18.25 -1.88 -13.14
N ARG B 193 -19.55 -2.12 -13.02
CA ARG B 193 -20.56 -1.15 -13.47
C ARG B 193 -20.57 0.14 -12.64
N SER B 194 -20.52 0.02 -11.33
CA SER B 194 -20.28 1.19 -10.47
C SER B 194 -19.02 1.98 -10.83
N CYS B 195 -17.89 1.31 -11.04
CA CYS B 195 -16.65 1.99 -11.36
C CYS B 195 -16.73 2.74 -12.71
N PHE B 196 -17.30 2.10 -13.73
CA PHE B 196 -17.43 2.77 -15.00
C PHE B 196 -18.35 4.00 -14.94
N GLU B 197 -19.46 3.87 -14.24
CA GLU B 197 -20.42 4.95 -14.07
C GLU B 197 -19.93 6.09 -13.21
N PHE B 198 -19.33 5.77 -12.08
CA PHE B 198 -18.79 6.79 -11.18
C PHE B 198 -17.75 7.63 -11.90
N ALA B 199 -16.80 6.96 -12.55
CA ALA B 199 -15.70 7.60 -13.23
C ALA B 199 -16.21 8.45 -14.43
N LEU B 200 -17.20 7.94 -15.16
CA LEU B 200 -17.91 8.71 -16.19
C LEU B 200 -18.65 9.94 -15.62
N ALA B 201 -19.48 9.78 -14.58
CA ALA B 201 -20.14 10.96 -13.96
C ALA B 201 -19.17 12.04 -13.44
N ARG B 202 -17.95 11.66 -13.14
CA ARG B 202 -16.99 12.56 -12.56
C ARG B 202 -15.97 13.06 -13.59
N LYS B 203 -15.99 12.48 -14.79
CA LYS B 203 -15.01 12.73 -15.85
C LYS B 203 -13.59 12.49 -15.39
N TRP B 204 -13.34 11.33 -14.79
CA TRP B 204 -12.00 10.92 -14.47
C TRP B 204 -11.71 9.61 -15.10
N PRO B 205 -10.46 9.34 -15.44
CA PRO B 205 -10.12 8.02 -15.93
C PRO B 205 -10.15 6.99 -14.80
N LEU B 206 -10.20 5.71 -15.19
CA LEU B 206 -10.47 4.59 -14.32
C LEU B 206 -9.36 3.55 -14.42
N TYR B 207 -8.80 3.17 -13.27
CA TYR B 207 -7.81 2.11 -13.19
C TYR B 207 -8.34 0.96 -12.37
N LEU B 208 -8.09 -0.27 -12.82
CA LEU B 208 -8.32 -1.48 -12.01
C LEU B 208 -6.97 -2.01 -11.63
N SER B 209 -6.87 -2.48 -10.40
CA SER B 209 -5.63 -3.16 -9.98
C SER B 209 -5.92 -4.60 -9.68
N THR B 210 -5.19 -5.51 -10.29
CA THR B 210 -5.27 -6.91 -9.86
C THR B 210 -3.89 -7.47 -9.85
N LYS B 211 -3.74 -8.72 -9.43
CA LYS B 211 -2.47 -9.44 -9.48
C LYS B 211 -2.54 -10.68 -10.41
N ASN B 212 -3.10 -10.47 -11.60
CA ASN B 212 -3.38 -11.52 -12.58
C ASN B 212 -2.15 -12.16 -13.18
N THR B 213 -0.99 -11.54 -13.01
CA THR B 213 0.32 -12.17 -13.21
C THR B 213 0.49 -13.49 -12.41
N ILE B 214 -0.09 -13.52 -11.21
CA ILE B 214 0.03 -14.65 -10.32
C ILE B 214 -1.29 -15.43 -10.23
N LEU B 215 -2.38 -14.76 -9.92
CA LEU B 215 -3.68 -15.44 -9.91
C LEU B 215 -4.32 -15.33 -11.28
N LYS B 216 -3.79 -16.14 -12.21
CA LYS B 216 -4.18 -16.10 -13.62
C LYS B 216 -5.65 -16.31 -13.86
N HIS B 217 -6.28 -17.15 -13.06
CA HIS B 217 -7.71 -17.40 -13.16
C HIS B 217 -8.50 -16.49 -12.25
N TYR B 218 -8.13 -16.46 -10.99
CA TYR B 218 -8.83 -15.63 -10.01
C TYR B 218 -8.83 -14.16 -10.40
N ASP B 219 -7.66 -13.58 -10.65
CA ASP B 219 -7.57 -12.14 -10.99
C ASP B 219 -7.77 -11.84 -12.43
N GLY B 220 -7.50 -12.83 -13.28
CA GLY B 220 -7.76 -12.76 -14.72
C GLY B 220 -9.19 -12.43 -15.00
N ARG B 221 -10.09 -13.00 -14.20
CA ARG B 221 -11.53 -12.80 -14.27
C ARG B 221 -11.93 -11.37 -14.06
N PHE B 222 -11.29 -10.75 -13.06
CA PHE B 222 -11.51 -9.35 -12.76
C PHE B 222 -11.11 -8.51 -13.96
N LYS B 223 -9.92 -8.76 -14.48
CA LYS B 223 -9.45 -8.10 -15.68
C LYS B 223 -10.42 -8.31 -16.90
N ASP B 224 -10.75 -9.57 -17.20
CA ASP B 224 -11.64 -9.92 -18.32
C ASP B 224 -13.02 -9.31 -18.21
N ILE B 225 -13.62 -9.32 -17.00
CA ILE B 225 -14.96 -8.74 -16.83
C ILE B 225 -14.89 -7.22 -17.02
N PHE B 226 -13.85 -6.57 -16.52
CA PHE B 226 -13.74 -5.11 -16.72
C PHE B 226 -13.53 -4.74 -18.21
N ALA B 227 -12.69 -5.53 -18.89
CA ALA B 227 -12.29 -5.27 -20.26
C ALA B 227 -13.44 -5.40 -21.24
N GLU B 228 -14.11 -6.55 -21.17
CA GLU B 228 -15.30 -6.87 -21.97
C GLU B 228 -16.45 -5.91 -21.73
N MET B 229 -16.54 -5.35 -20.54
CA MET B 229 -17.56 -4.35 -20.28
C MET B 229 -17.19 -2.95 -20.80
N TYR B 230 -15.90 -2.63 -20.78
CA TYR B 230 -15.43 -1.35 -21.30
C TYR B 230 -15.66 -1.32 -22.82
N LYS B 231 -15.23 -2.38 -23.49
CA LYS B 231 -15.37 -2.46 -24.92
C LYS B 231 -16.83 -2.35 -25.35
N ALA B 232 -17.69 -3.09 -24.66
CA ALA B 232 -19.09 -3.13 -25.01
C ALA B 232 -19.82 -1.85 -24.62
N LEU B 233 -19.71 -1.41 -23.38
CA LEU B 233 -20.66 -0.42 -22.86
C LEU B 233 -20.13 0.98 -22.48
N TYR B 234 -18.83 1.22 -22.57
CA TYR B 234 -18.25 2.45 -21.99
C TYR B 234 -17.18 3.16 -22.78
N GLU B 235 -16.37 2.43 -23.54
CA GLU B 235 -15.27 3.01 -24.31
C GLU B 235 -15.65 4.21 -25.18
N THR B 236 -16.75 4.11 -25.91
CA THR B 236 -17.26 5.24 -26.69
C THR B 236 -17.45 6.45 -25.75
N LYS B 237 -18.31 6.30 -24.73
CA LYS B 237 -18.62 7.41 -23.83
C LYS B 237 -17.39 7.96 -23.12
N PHE B 238 -16.42 7.11 -22.80
CA PHE B 238 -15.19 7.58 -22.16
C PHE B 238 -14.35 8.40 -23.14
N LYS B 239 -14.12 7.85 -24.34
CA LYS B 239 -13.40 8.58 -25.39
C LYS B 239 -14.04 9.94 -25.63
N THR B 240 -15.38 9.98 -25.72
CA THR B 240 -16.16 11.23 -25.85
C THR B 240 -15.91 12.26 -24.72
N CYS B 241 -15.77 11.79 -23.48
CA CYS B 241 -15.41 12.64 -22.32
C CYS B 241 -13.92 12.91 -22.14
N GLY B 242 -13.08 12.26 -22.93
CA GLY B 242 -11.64 12.46 -22.82
C GLY B 242 -10.99 11.72 -21.65
N ILE B 243 -11.50 10.53 -21.37
CA ILE B 243 -10.99 9.68 -20.32
C ILE B 243 -10.84 8.27 -20.87
N PHE B 244 -10.31 7.35 -20.06
CA PHE B 244 -10.01 6.00 -20.49
C PHE B 244 -10.07 5.07 -19.29
N TYR B 245 -10.10 3.77 -19.58
CA TYR B 245 -10.04 2.68 -18.61
C TYR B 245 -8.75 1.90 -18.90
N GLU B 246 -8.00 1.61 -17.85
CA GLU B 246 -6.78 0.85 -18.01
C GLU B 246 -6.60 -0.12 -16.83
N HIS B 247 -6.32 -1.39 -17.15
CA HIS B 247 -5.90 -2.40 -16.14
C HIS B 247 -4.42 -2.29 -15.80
N ARG B 248 -4.08 -2.38 -14.51
CA ARG B 248 -2.69 -2.28 -14.06
C ARG B 248 -2.44 -3.32 -13.00
N LEU B 249 -1.22 -3.84 -13.01
CA LEU B 249 -0.75 -4.69 -11.92
C LEU B 249 -0.75 -3.86 -10.65
N ILE B 250 -1.22 -4.47 -9.56
CA ILE B 250 -1.30 -3.81 -8.25
C ILE B 250 0.05 -3.21 -7.79
N ASP B 251 1.17 -3.81 -8.13
CA ASP B 251 2.51 -3.23 -7.81
C ASP B 251 2.77 -1.94 -8.58
N ASP B 252 2.56 -1.99 -9.90
CA ASP B 252 2.68 -0.78 -10.74
C ASP B 252 1.71 0.29 -10.23
N MET B 253 0.47 -0.08 -9.94
CA MET B 253 -0.55 0.88 -9.54
C MET B 253 -0.32 1.61 -8.21
N VAL B 254 0.10 0.91 -7.15
CA VAL B 254 0.50 1.62 -5.92
C VAL B 254 1.71 2.52 -6.14
N ALA B 255 2.59 2.18 -7.07
CA ALA B 255 3.72 3.02 -7.44
C ALA B 255 3.24 4.24 -8.19
N HIS B 256 2.41 4.01 -9.20
CA HIS B 256 1.68 5.08 -9.92
C HIS B 256 1.04 6.09 -8.96
N CYS B 257 0.41 5.60 -7.90
CA CYS B 257 -0.26 6.49 -6.95
C CYS B 257 0.72 7.43 -6.27
N MET B 258 1.82 6.84 -5.81
CA MET B 258 2.89 7.56 -5.15
C MET B 258 3.47 8.70 -6.01
N ARG B 259 3.64 8.48 -7.31
CA ARG B 259 4.27 9.48 -8.17
C ARG B 259 3.35 10.32 -9.06
N SER B 260 2.10 9.92 -9.22
CA SER B 260 1.16 10.63 -10.08
C SER B 260 0.63 11.84 -9.35
N GLU B 261 0.13 12.80 -10.11
CA GLU B 261 -0.49 13.97 -9.52
C GLU B 261 -1.93 13.64 -9.10
N GLY B 262 -2.46 12.50 -9.51
CA GLY B 262 -3.82 12.13 -9.20
C GLY B 262 -4.81 12.62 -10.25
N GLY B 263 -6.08 12.67 -9.88
CA GLY B 263 -7.15 12.88 -10.84
C GLY B 263 -7.55 11.59 -11.53
N TYR B 264 -7.85 10.55 -10.76
CA TYR B 264 -8.34 9.31 -11.39
C TYR B 264 -9.12 8.49 -10.41
N VAL B 265 -9.96 7.61 -10.93
CA VAL B 265 -10.64 6.65 -10.09
C VAL B 265 -9.82 5.37 -10.10
N TRP B 266 -9.71 4.75 -8.94
CA TRP B 266 -8.91 3.52 -8.77
C TRP B 266 -9.79 2.42 -8.22
N ALA B 267 -10.14 1.47 -9.09
CA ALA B 267 -10.91 0.29 -8.71
C ALA B 267 -10.04 -0.71 -7.95
N CYS B 268 -10.38 -0.96 -6.70
CA CYS B 268 -9.63 -1.89 -5.87
C CYS B 268 -10.41 -3.10 -5.48
N LYS B 269 -9.78 -4.27 -5.59
CA LYS B 269 -10.35 -5.48 -4.99
C LYS B 269 -10.51 -5.32 -3.49
N ASN B 270 -11.29 -6.21 -2.89
CA ASN B 270 -11.72 -6.00 -1.52
C ASN B 270 -10.58 -5.62 -0.56
N TYR B 271 -9.57 -6.48 -0.51
CA TYR B 271 -8.41 -6.39 0.38
C TYR B 271 -7.56 -5.15 0.08
N ASP B 272 -7.19 -4.98 -1.19
CA ASP B 272 -6.41 -3.87 -1.60
C ASP B 272 -7.12 -2.52 -1.29
N GLY B 273 -8.45 -2.48 -1.48
CA GLY B 273 -9.26 -1.30 -1.15
C GLY B 273 -9.18 -1.00 0.33
N ASP B 274 -9.24 -2.04 1.15
CA ASP B 274 -9.14 -1.92 2.60
C ASP B 274 -7.79 -1.32 3.06
N VAL B 275 -6.70 -1.77 2.47
CA VAL B 275 -5.37 -1.40 2.90
C VAL B 275 -4.97 -0.07 2.30
N GLN B 276 -5.16 0.10 0.99
CA GLN B 276 -4.68 1.29 0.35
C GLN B 276 -5.50 2.54 0.71
N SER B 277 -6.75 2.36 1.11
CA SER B 277 -7.57 3.48 1.64
C SER B 277 -7.02 4.10 2.88
N ASP B 278 -6.50 3.29 3.78
CA ASP B 278 -5.85 3.82 5.00
C ASP B 278 -4.53 4.53 4.71
N SER B 279 -3.82 4.06 3.70
CA SER B 279 -2.61 4.69 3.26
C SER B 279 -3.00 6.08 2.75
N LEU B 280 -4.05 6.15 1.91
CA LEU B 280 -4.54 7.44 1.38
C LEU B 280 -5.06 8.37 2.43
N ALA B 281 -5.81 7.83 3.38
CA ALA B 281 -6.38 8.61 4.50
C ALA B 281 -5.31 9.44 5.19
N GLN B 282 -4.20 8.78 5.52
CA GLN B 282 -3.08 9.41 6.18
C GLN B 282 -2.36 10.41 5.27
N GLY B 283 -2.23 10.05 3.99
CA GLY B 283 -1.62 10.91 3.00
C GLY B 283 -2.33 12.22 2.73
N PHE B 284 -3.64 12.20 2.60
CA PHE B 284 -4.40 13.41 2.21
C PHE B 284 -4.67 14.42 3.34
N GLY B 285 -4.42 14.02 4.61
CA GLY B 285 -4.58 14.90 5.77
C GLY B 285 -5.73 14.48 6.69
N SER B 286 -6.55 15.43 7.15
CA SER B 286 -7.54 15.13 8.19
C SER B 286 -8.70 14.23 7.75
N LEU B 287 -9.24 13.47 8.70
CA LEU B 287 -10.44 12.65 8.45
C LEU B 287 -11.68 13.50 8.19
N GLY B 288 -11.62 14.76 8.65
CA GLY B 288 -12.66 15.72 8.35
C GLY B 288 -12.59 16.35 6.98
N MET B 289 -11.72 15.82 6.08
CA MET B 289 -11.63 16.31 4.70
C MET B 289 -11.83 15.19 3.67
N MET B 290 -12.79 14.31 3.92
CA MET B 290 -13.09 13.24 2.99
C MET B 290 -14.50 12.71 3.12
N THR B 291 -15.17 12.53 2.00
CA THR B 291 -16.49 11.96 1.96
C THR B 291 -16.47 10.53 1.43
N SER B 292 -17.54 9.79 1.67
CA SER B 292 -17.82 8.50 1.03
C SER B 292 -19.07 8.61 0.18
N ILE B 293 -19.02 8.08 -1.02
CA ILE B 293 -20.21 8.02 -1.84
C ILE B 293 -20.40 6.60 -2.37
N LEU B 294 -21.52 6.01 -1.98
CA LEU B 294 -21.96 4.74 -2.53
C LEU B 294 -22.69 5.08 -3.81
N MET B 295 -22.25 4.48 -4.91
CA MET B 295 -22.99 4.56 -6.18
C MET B 295 -23.41 3.14 -6.63
N THR B 296 -24.72 2.96 -6.88
CA THR B 296 -25.26 1.71 -7.41
C THR B 296 -24.69 1.44 -8.79
N PRO B 297 -24.82 0.18 -9.27
CA PRO B 297 -24.24 -0.19 -10.59
C PRO B 297 -24.85 0.45 -11.82
N ASP B 298 -26.13 0.79 -11.79
CA ASP B 298 -26.78 1.55 -12.89
C ASP B 298 -26.33 3.03 -12.99
N GLY B 299 -25.63 3.51 -11.98
CA GLY B 299 -25.13 4.89 -11.95
C GLY B 299 -26.15 5.91 -11.51
N LYS B 300 -27.33 5.48 -11.06
CA LYS B 300 -28.46 6.40 -10.87
C LYS B 300 -28.78 6.68 -9.42
N THR B 301 -28.29 5.84 -8.54
CA THR B 301 -28.59 5.94 -7.12
C THR B 301 -27.29 6.09 -6.35
N VAL B 302 -27.28 7.10 -5.49
CA VAL B 302 -26.11 7.51 -4.78
C VAL B 302 -26.48 7.70 -3.30
N GLU B 303 -25.58 7.28 -2.40
CA GLU B 303 -25.68 7.57 -0.97
C GLU B 303 -24.38 8.23 -0.58
N VAL B 304 -24.44 9.38 0.08
CA VAL B 304 -23.19 10.09 0.40
C VAL B 304 -23.13 10.50 1.85
N GLU B 305 -21.95 10.31 2.45
CA GLU B 305 -21.67 10.59 3.86
C GLU B 305 -20.22 11.04 4.06
N ALA B 306 -19.92 11.61 5.24
CA ALA B 306 -18.54 11.93 5.62
C ALA B 306 -17.79 10.62 5.82
N ALA B 307 -16.48 10.63 5.56
CA ALA B 307 -15.65 9.43 5.75
C ALA B 307 -15.46 9.03 7.24
N HIS B 308 -15.42 10.00 8.14
CA HIS B 308 -15.34 9.72 9.59
C HIS B 308 -16.63 9.18 10.26
N GLY B 309 -16.47 8.79 11.54
CA GLY B 309 -17.56 8.38 12.43
C GLY B 309 -18.19 9.51 13.23
N THR B 310 -18.83 9.15 14.36
CA THR B 310 -19.70 10.07 15.11
C THR B 310 -18.97 11.12 15.95
N VAL B 311 -17.64 10.95 16.11
CA VAL B 311 -16.78 11.84 16.90
C VAL B 311 -17.17 11.81 18.41
N THR B 312 -17.14 10.61 18.98
CA THR B 312 -17.59 10.33 20.36
C THR B 312 -16.81 11.17 21.36
N ARG B 313 -15.48 11.17 21.26
CA ARG B 313 -14.66 11.90 22.24
C ARG B 313 -14.82 13.43 22.19
N HIS B 314 -15.32 13.98 21.08
CA HIS B 314 -15.80 15.37 21.08
C HIS B 314 -17.19 15.48 21.72
N TYR B 315 -17.99 14.41 21.65
CA TYR B 315 -19.35 14.36 22.25
C TYR B 315 -19.38 14.21 23.82
N ARG B 316 -18.53 13.37 24.37
CA ARG B 316 -18.40 13.22 25.81
C ARG B 316 -17.89 14.60 26.24
N ASP B 317 -17.03 15.17 25.43
CA ASP B 317 -16.57 16.50 25.64
C ASP B 317 -17.73 17.38 25.43
N TYR B 318 -18.58 17.02 24.48
CA TYR B 318 -19.66 17.90 24.11
C TYR B 318 -20.61 18.38 25.17
N GLN B 319 -20.60 19.69 25.15
CA GLN B 319 -21.39 20.60 25.93
C GLN B 319 -21.41 20.48 27.43
N LYS B 320 -20.35 19.92 28.00
CA LYS B 320 -20.23 19.90 29.43
C LYS B 320 -19.47 21.22 29.45
N GLY B 321 -20.12 22.28 28.97
CA GLY B 321 -19.53 23.59 28.84
C GLY B 321 -18.60 23.48 27.67
N LYS B 322 -17.76 22.45 27.74
CA LYS B 322 -16.69 22.23 26.81
C LYS B 322 -17.20 22.29 25.43
N GLU B 323 -16.56 23.20 24.73
CA GLU B 323 -16.83 23.53 23.34
C GLU B 323 -16.00 22.58 22.50
N THR B 324 -16.12 22.72 21.18
CA THR B 324 -15.42 21.88 20.25
C THR B 324 -15.08 22.61 18.97
N SER B 325 -14.11 22.08 18.25
CA SER B 325 -13.71 22.63 16.97
C SER B 325 -13.72 21.56 15.87
N THR B 326 -14.63 20.60 15.98
CA THR B 326 -14.73 19.51 15.03
C THR B 326 -14.82 20.03 13.64
N ASN B 327 -14.10 19.40 12.75
CA ASN B 327 -14.09 19.79 11.35
C ASN B 327 -15.41 19.35 10.71
N PRO B 328 -16.18 20.27 10.11
CA PRO B 328 -17.49 19.87 9.62
C PRO B 328 -17.55 19.70 8.13
N VAL B 329 -16.42 19.87 7.42
CA VAL B 329 -16.49 20.05 5.96
C VAL B 329 -16.77 18.71 5.29
N ALA B 330 -16.34 17.59 5.85
CA ALA B 330 -16.72 16.28 5.31
C ALA B 330 -18.25 16.13 5.38
N SER B 331 -18.83 16.52 6.51
CA SER B 331 -20.28 16.60 6.65
C SER B 331 -20.95 17.60 5.69
N ILE B 332 -20.37 18.79 5.51
CA ILE B 332 -20.92 19.78 4.54
C ILE B 332 -20.83 19.24 3.12
N PHE B 333 -19.65 18.73 2.76
CA PHE B 333 -19.44 18.17 1.43
C PHE B 333 -20.30 16.94 1.15
N ALA B 334 -20.76 16.26 2.19
CA ALA B 334 -21.74 15.21 1.97
C ALA B 334 -23.03 15.78 1.33
N TRP B 335 -23.45 16.96 1.77
CA TRP B 335 -24.68 17.57 1.22
C TRP B 335 -24.44 18.05 -0.20
N THR B 336 -23.32 18.73 -0.42
CA THR B 336 -23.06 19.32 -1.72
C THR B 336 -22.93 18.27 -2.81
N ARG B 337 -22.37 17.11 -2.45
CA ARG B 337 -22.15 16.02 -3.41
C ARG B 337 -23.46 15.28 -3.69
N ALA B 338 -24.31 15.20 -2.67
CA ALA B 338 -25.63 14.64 -2.81
C ALA B 338 -26.50 15.54 -3.67
N LEU B 339 -26.62 16.81 -3.28
CA LEU B 339 -27.42 17.75 -4.04
C LEU B 339 -26.92 17.84 -5.48
N ALA B 340 -25.60 17.71 -5.66
CA ALA B 340 -25.05 17.73 -7.01
C ALA B 340 -25.64 16.60 -7.82
N HIS B 341 -25.70 15.40 -7.23
CA HIS B 341 -26.25 14.24 -7.94
C HIS B 341 -27.70 14.40 -8.23
N ARG B 342 -28.44 14.94 -7.25
CA ARG B 342 -29.86 15.34 -7.41
C ARG B 342 -30.03 16.23 -8.63
N ALA B 343 -29.24 17.29 -8.71
CA ALA B 343 -29.31 18.24 -9.82
C ALA B 343 -28.98 17.59 -11.17
N ARG B 344 -27.89 16.85 -11.22
CA ARG B 344 -27.43 16.19 -12.44
C ARG B 344 -28.49 15.26 -13.04
N VAL B 345 -29.21 14.54 -12.18
CA VAL B 345 -30.31 13.67 -12.63
C VAL B 345 -31.46 14.53 -13.16
N ASP B 346 -31.78 15.60 -12.42
CA ASP B 346 -32.85 16.50 -12.75
C ASP B 346 -32.59 17.46 -13.92
N ASN B 347 -31.35 17.53 -14.42
CA ASN B 347 -30.90 18.60 -15.32
C ASN B 347 -31.27 19.96 -14.75
N ASN B 348 -30.97 20.17 -13.47
CA ASN B 348 -31.28 21.40 -12.73
C ASN B 348 -30.02 22.24 -12.49
N ASN B 349 -29.57 22.91 -13.55
CA ASN B 349 -28.30 23.63 -13.55
C ASN B 349 -28.09 24.65 -12.43
N THR B 350 -29.16 25.28 -11.98
CA THR B 350 -29.05 26.26 -10.91
C THR B 350 -28.75 25.59 -9.58
N LEU B 351 -29.18 24.35 -9.37
CA LEU B 351 -28.83 23.66 -8.15
C LEU B 351 -27.40 23.17 -8.24
N LEU B 352 -26.95 22.78 -9.44
CA LEU B 352 -25.57 22.31 -9.63
C LEU B 352 -24.61 23.43 -9.30
N GLU B 353 -24.92 24.60 -9.89
CA GLU B 353 -24.26 25.86 -9.58
C GLU B 353 -24.09 26.07 -8.09
N PHE B 354 -25.17 25.96 -7.34
CA PHE B 354 -25.08 26.17 -5.90
C PHE B 354 -24.14 25.19 -5.19
N THR B 355 -24.12 23.92 -5.63
CA THR B 355 -23.23 22.96 -5.01
C THR B 355 -21.78 23.35 -5.23
N GLN B 356 -21.45 23.75 -6.47
CA GLN B 356 -20.09 24.22 -6.81
C GLN B 356 -19.68 25.44 -6.03
N ARG B 357 -20.62 26.37 -5.83
CA ARG B 357 -20.28 27.62 -5.12
C ARG B 357 -19.84 27.35 -3.70
N LEU B 358 -20.68 26.62 -2.97
CA LEU B 358 -20.41 26.31 -1.57
C LEU B 358 -19.11 25.49 -1.43
N GLU B 359 -18.80 24.64 -2.41
CA GLU B 359 -17.55 23.89 -2.37
C GLU B 359 -16.39 24.84 -2.55
N ASP B 360 -16.39 25.61 -3.65
CA ASP B 360 -15.31 26.58 -3.95
C ASP B 360 -15.05 27.55 -2.80
N VAL B 361 -16.14 27.98 -2.18
CA VAL B 361 -16.17 28.89 -1.05
C VAL B 361 -15.54 28.31 0.22
N ILE B 362 -15.86 27.05 0.52
CA ILE B 362 -15.29 26.39 1.70
C ILE B 362 -13.77 26.28 1.53
N ILE B 363 -13.34 25.89 0.34
CA ILE B 363 -11.91 25.80 -0.01
C ILE B 363 -11.27 27.18 0.18
N ALA B 364 -11.92 28.22 -0.34
CA ALA B 364 -11.41 29.60 -0.27
C ALA B 364 -11.21 30.12 1.16
N THR B 365 -12.22 29.83 1.97
CA THR B 365 -12.22 30.14 3.39
C THR B 365 -11.06 29.49 4.15
N ILE B 366 -10.78 28.22 3.85
CA ILE B 366 -9.68 27.51 4.48
C ILE B 366 -8.33 28.06 3.99
N GLU B 367 -8.21 28.31 2.68
CA GLU B 367 -7.04 28.99 2.12
C GLU B 367 -6.86 30.42 2.61
N ALA B 368 -7.93 31.01 3.14
CA ALA B 368 -7.88 32.29 3.80
C ALA B 368 -7.19 32.25 5.16
N GLY B 369 -7.33 31.16 5.90
CA GLY B 369 -6.81 31.04 7.27
C GLY B 369 -7.86 30.71 8.33
N ALA B 370 -9.11 30.56 7.91
CA ALA B 370 -10.20 30.16 8.81
C ALA B 370 -10.44 28.65 8.68
N MET B 371 -10.14 27.90 9.73
CA MET B 371 -10.18 26.44 9.72
C MET B 371 -10.27 25.87 11.12
N THR B 372 -10.80 24.66 11.25
CA THR B 372 -10.92 24.01 12.55
C THR B 372 -9.55 23.55 13.10
N GLU B 373 -9.58 23.03 14.33
CA GLU B 373 -8.35 22.66 15.03
C GLU B 373 -7.54 21.72 14.16
N ASP B 374 -8.18 20.63 13.71
CA ASP B 374 -7.50 19.60 12.93
C ASP B 374 -6.60 20.16 11.83
N LEU B 375 -7.12 21.12 11.08
CA LEU B 375 -6.44 21.61 9.91
C LEU B 375 -5.33 22.52 10.34
N ALA B 376 -5.57 23.31 11.38
CA ALA B 376 -4.54 24.17 11.97
C ALA B 376 -3.28 23.39 12.40
N ILE B 377 -3.45 22.20 12.99
CA ILE B 377 -2.27 21.44 13.41
C ILE B 377 -1.50 20.95 12.16
N CYS B 378 -2.20 20.49 11.11
CA CYS B 378 -1.54 20.09 9.85
C CYS B 378 -0.60 21.16 9.28
N ILE B 379 -0.99 22.44 9.37
CA ILE B 379 -0.24 23.50 8.65
C ILE B 379 1.13 23.69 9.27
N LYS B 380 1.17 23.74 10.61
CA LYS B 380 2.30 23.20 11.38
C LYS B 380 2.05 22.95 12.87
N GLY B 381 1.78 21.68 13.15
CA GLY B 381 2.16 20.98 14.35
C GLY B 381 1.52 21.29 15.68
N GLU B 382 1.32 20.25 16.49
N GLU B 382 1.13 20.21 16.37
CA GLU B 382 0.70 20.39 17.82
CA GLU B 382 0.99 20.14 17.84
C GLU B 382 1.29 21.48 18.73
C GLU B 382 1.32 21.39 18.67
N LYS B 383 2.61 21.69 18.74
CA LYS B 383 3.21 22.69 19.66
C LYS B 383 2.88 24.16 19.34
N ASN B 384 2.83 24.49 18.05
CA ASN B 384 2.61 25.89 17.61
C ASN B 384 1.14 26.31 17.54
N VAL B 385 0.23 25.39 17.83
CA VAL B 385 -1.20 25.64 17.80
C VAL B 385 -1.62 26.40 19.03
N VAL B 386 -2.20 27.58 18.82
CA VAL B 386 -2.98 28.27 19.84
C VAL B 386 -4.35 28.56 19.24
N ARG B 387 -5.26 29.10 20.05
CA ARG B 387 -6.64 29.44 19.59
C ARG B 387 -6.71 30.70 18.73
N ALA B 388 -5.61 31.46 18.68
CA ALA B 388 -5.45 32.55 17.72
C ALA B 388 -5.44 32.03 16.29
N ASP B 389 -4.90 30.83 16.12
CA ASP B 389 -4.75 30.23 14.79
C ASP B 389 -6.01 29.57 14.19
N TYR B 390 -7.08 29.35 14.97
CA TYR B 390 -8.24 28.57 14.48
C TYR B 390 -9.61 29.03 15.01
N LEU B 391 -10.67 28.33 14.54
CA LEU B 391 -12.08 28.57 14.92
C LEU B 391 -12.79 27.31 15.44
N ASN B 392 -13.83 27.49 16.27
CA ASN B 392 -14.64 26.35 16.73
C ASN B 392 -15.64 25.92 15.65
N THR B 393 -16.34 24.82 15.93
CA THR B 393 -17.29 24.21 14.99
C THR B 393 -18.32 25.26 14.50
N ASP B 394 -19.15 25.77 15.42
CA ASP B 394 -20.15 26.84 15.12
C ASP B 394 -19.53 28.05 14.42
N GLU B 395 -18.33 28.44 14.86
CA GLU B 395 -17.63 29.61 14.33
C GLU B 395 -17.14 29.43 12.90
N PHE B 396 -16.55 28.28 12.62
CA PHE B 396 -16.14 27.95 11.25
C PHE B 396 -17.36 27.88 10.34
N ILE B 397 -18.39 27.17 10.79
CA ILE B 397 -19.67 27.05 10.02
C ILE B 397 -20.24 28.45 9.71
N ASP B 398 -20.19 29.35 10.70
CA ASP B 398 -20.62 30.74 10.49
C ASP B 398 -19.67 31.51 9.55
N ALA B 399 -18.36 31.33 9.73
CA ALA B 399 -17.37 31.93 8.84
C ALA B 399 -17.64 31.63 7.34
N VAL B 400 -17.99 30.36 7.03
CA VAL B 400 -18.33 29.99 5.64
C VAL B 400 -19.70 30.52 5.25
N SER B 401 -20.64 30.51 6.20
CA SER B 401 -22.00 31.08 5.97
C SER B 401 -21.97 32.54 5.52
N GLN B 402 -21.11 33.34 6.15
CA GLN B 402 -20.99 34.76 5.79
C GLN B 402 -20.27 34.89 4.46
N ARG B 403 -19.23 34.10 4.28
CA ARG B 403 -18.52 34.01 3.01
C ARG B 403 -19.40 33.50 1.84
N LEU B 404 -20.41 32.70 2.17
CA LEU B 404 -21.37 32.15 1.19
C LEU B 404 -22.39 33.19 0.70
N LYS B 405 -22.85 34.06 1.61
CA LYS B 405 -23.73 35.20 1.24
C LYS B 405 -23.14 36.03 0.08
N VAL B 406 -21.84 36.32 0.16
CA VAL B 406 -21.18 37.18 -0.85
C VAL B 406 -21.02 36.47 -2.21
N ALA B 407 -20.87 35.15 -2.17
CA ALA B 407 -20.70 34.38 -3.39
C ALA B 407 -21.96 34.40 -4.22
N MET B 408 -23.05 33.91 -3.66
CA MET B 408 -24.32 33.78 -4.38
C MET B 408 -24.80 35.07 -4.93
N GLN B 409 -24.34 36.13 -4.29
CA GLN B 409 -24.73 37.47 -4.60
C GLN B 409 -24.25 38.01 -5.91
N LYS B 410 -23.32 37.35 -6.57
CA LYS B 410 -22.82 37.93 -7.81
C LYS B 410 -23.77 37.73 -8.96
N SER B 411 -24.86 38.45 -8.80
CA SER B 411 -25.93 38.66 -9.74
C SER B 411 -25.86 40.18 -9.69
N LYS B 412 -25.79 40.84 -10.85
CA LYS B 412 -25.64 42.31 -10.89
C LYS B 412 -26.62 43.07 -11.77
N VAL B 413 -26.58 44.38 -11.57
CA VAL B 413 -27.34 45.35 -12.33
C VAL B 413 -26.21 46.11 -13.02
PA NAP C . 17.09 -2.37 -14.61
O1A NAP C . 16.93 -1.95 -13.16
O2A NAP C . 18.44 -2.85 -15.00
O5B NAP C . 16.77 -1.13 -15.56
C5B NAP C . 15.51 -0.43 -15.49
C4B NAP C . 15.70 1.08 -15.59
O4B NAP C . 15.80 1.66 -14.28
C3B NAP C . 16.97 1.56 -16.28
O3B NAP C . 16.93 1.41 -17.70
C2B NAP C . 17.06 2.99 -15.76
O2B NAP C . 16.11 3.83 -16.41
C1B NAP C . 16.69 2.78 -14.30
N9A NAP C . 17.87 2.43 -13.46
C8A NAP C . 18.18 1.21 -12.96
N7A NAP C . 19.33 1.24 -12.22
C5A NAP C . 19.78 2.50 -12.26
C6A NAP C . 20.95 3.22 -11.71
N6A NAP C . 21.85 2.59 -10.98
N1A NAP C . 21.09 4.54 -11.97
C2A NAP C . 20.16 5.20 -12.72
N3A NAP C . 19.08 4.60 -13.26
C4A NAP C . 18.83 3.27 -13.07
O3 NAP C . 16.00 -3.52 -14.91
PN NAP C . 15.50 -4.05 -16.35
O1N NAP C . 14.08 -4.56 -16.22
O2N NAP C . 15.85 -3.04 -17.41
O5D NAP C . 16.34 -5.37 -16.62
C5D NAP C . 17.61 -5.29 -17.24
C4D NAP C . 18.37 -6.56 -16.91
O4D NAP C . 18.64 -6.61 -15.50
C3D NAP C . 17.56 -7.80 -17.28
O3D NAP C . 18.44 -8.73 -17.90
C2D NAP C . 17.02 -8.27 -15.93
O2D NAP C . 16.79 -9.68 -15.90
C1D NAP C . 18.12 -7.85 -14.97
N1N NAP C . 17.77 -7.70 -13.54
C2N NAP C . 18.63 -8.29 -12.68
C3N NAP C . 18.47 -8.23 -11.28
C7N NAP C . 19.53 -8.95 -10.42
O7N NAP C . 20.22 -9.86 -10.89
N7N NAP C . 19.70 -8.60 -9.16
C4N NAP C . 17.34 -7.54 -10.79
C5N NAP C . 16.44 -6.94 -11.70
C6N NAP C . 16.69 -7.04 -13.08
P2B NAP C . 16.46 4.75 -17.71
O1X NAP C . 17.08 3.89 -18.80
O2X NAP C . 15.08 5.30 -18.05
O3X NAP C . 17.48 5.76 -17.18
CA CA D . 6.65 -6.10 -6.55
CA CA E . -9.13 -0.25 6.59
PA NAP F . -14.45 8.97 14.94
O1A NAP F . -14.17 9.38 13.52
O2A NAP F . -15.81 9.21 15.55
O5B NAP F . -13.44 9.69 15.92
C5B NAP F . -12.08 9.30 15.83
C4B NAP F . -11.18 10.47 16.17
O4B NAP F . -10.69 11.07 14.98
C3B NAP F . -11.81 11.59 16.97
O3B NAP F . -11.88 11.26 18.35
C2B NAP F . -10.93 12.79 16.61
O2B NAP F . -9.72 12.89 17.39
C1B NAP F . -10.64 12.48 15.14
N9A NAP F . -11.71 13.02 14.25
C8A NAP F . -12.60 12.27 13.59
N7A NAP F . -13.41 13.05 12.86
C5A NAP F . -13.06 14.32 13.04
C6A NAP F . -13.53 15.64 12.57
N6A NAP F . -14.57 15.70 11.72
N1A NAP F . -12.89 16.77 13.01
C2A NAP F . -11.84 16.66 13.87
N3A NAP F . -11.38 15.49 14.33
C4A NAP F . -11.92 14.29 13.97
O3 NAP F . -14.02 7.41 15.02
PN NAP F . -14.46 6.48 16.26
O1N NAP F . -13.90 5.10 15.99
O2N NAP F . -14.16 7.23 17.55
O5D NAP F . -16.06 6.38 16.03
C5D NAP F . -17.02 6.68 17.05
C4D NAP F . -18.39 6.03 16.75
O4D NAP F . -18.74 6.26 15.37
C3D NAP F . -18.43 4.52 16.98
O3D NAP F . -19.67 4.14 17.61
C2D NAP F . -18.25 3.93 15.59
O2D NAP F . -18.90 2.66 15.45
C1D NAP F . -18.87 5.01 14.68
N1N NAP F . -18.37 5.07 13.28
C2N NAP F . -19.29 5.34 12.31
C3N NAP F . -18.97 5.43 10.95
C7N NAP F . -20.06 5.75 9.94
O7N NAP F . -19.95 6.69 9.17
N7N NAP F . -21.19 5.04 9.93
C4N NAP F . -17.62 5.26 10.59
C5N NAP F . -16.69 4.99 11.58
C6N NAP F . -17.08 4.91 12.92
P2B NAP F . -9.25 14.31 18.02
O1X NAP F . -10.41 14.72 18.87
O2X NAP F . -8.02 14.01 18.84
O3X NAP F . -9.06 15.18 16.80
C1 AKG G . -18.85 -0.32 7.96
O1 AKG G . -19.72 0.15 8.72
O2 AKG G . -18.83 -1.56 7.71
C2 AKG G . -17.84 0.55 7.36
O5 AKG G . -18.09 1.73 7.16
C3 AKG G . -16.45 0.01 7.01
C4 AKG G . -16.34 -0.35 5.52
C5 AKG G . -16.33 -1.85 5.22
O3 AKG G . -16.12 -2.19 4.04
O4 AKG G . -16.53 -2.69 6.12
#